data_2F48
#
_entry.id   2F48
#
_cell.length_a   83.411
_cell.length_b   100.979
_cell.length_c   150.043
_cell.angle_alpha   90.00
_cell.angle_beta   90.00
_cell.angle_gamma   90.00
#
_symmetry.space_group_name_H-M   'P 21 21 21'
#
loop_
_entity.id
_entity.type
_entity.pdbx_description
1 polymer 'diphosphate--fructose-6-phosphate 1-phosphotransferase'
2 non-polymer 1,6-di-O-phosphono-beta-D-fructofuranose
3 non-polymer 'ALUMINUM FLUORIDE'
4 water water
#
_entity_poly.entity_id   1
_entity_poly.type   'polypeptide(L)'
_entity_poly.pdbx_seq_one_letter_code
;MNTSLFKQERQKYIPKLPNILKKDFNNISLVYGENTEAIQDRQALKEFFKNTYGLPIISFTEGESSLSFSKALNIGIILS
GGPAPGGHNVISGVFDAIKKFNPNSKLFGFKGGPLGLLENDKIELTESLINSYRNTGGFDIVSSGRTKIETEEHYNKALF
VAKENNLNAIIIIGGDDSNTNAAILAEYFKKNGENIQVIGVPKTIDADLRNDHIEISFGFDSATKIYSELIGNLCRDAMS
TKKYWHFVKLMGRSASHVALECALKTHPNICIVSEEVLAKKKTLSEIIDEMVSVILKRSLNGDNFGVVIVPEGLIEFIPE
VKSLMLELCDIFDKNEGEFKGLNIEKMKEIFVAKLSDYMKGVYLSLPLFIQFELIKSILERDPHGNFNVSRVPTEKLFIE
MIQSRLNDMKKRGEYKGSFTPVDHFFGYEGRSAFPSNFDSDYCYSLGYNAVVLILNGLTGYMSCIKNLNLKPTDWIAGGV
PLTMLMNMEERYGEKKPVIKKALVDLEGRPFKEFVKNRDKWALNNLYLYPGPVQYFGSSEIVDEITETLKLELFK
;
_entity_poly.pdbx_strand_id   A,B
#
loop_
_chem_comp.id
_chem_comp.type
_chem_comp.name
_chem_comp.formula
AF3 non-polymer 'ALUMINUM FLUORIDE' 'Al F3'
FBP D-saccharide, beta linking 1,6-di-O-phosphono-beta-D-fructofuranose 'C6 H14 O12 P2'
#
# COMPACT_ATOMS: atom_id res chain seq x y z
N SER A 4 5.61 1.43 19.35
CA SER A 4 5.03 0.35 18.49
C SER A 4 5.14 -1.01 19.18
N LEU A 5 4.00 -1.52 19.65
CA LEU A 5 3.95 -2.82 20.33
C LEU A 5 4.42 -4.02 19.46
N PHE A 6 4.12 -3.96 18.16
CA PHE A 6 4.50 -5.02 17.24
C PHE A 6 6.02 -5.17 17.22
N LYS A 7 6.69 -4.05 16.95
CA LYS A 7 8.16 -3.95 16.88
C LYS A 7 8.84 -4.49 18.14
N GLN A 8 8.25 -4.15 19.30
CA GLN A 8 8.72 -4.62 20.61
C GLN A 8 8.70 -6.15 20.73
N GLU A 9 7.60 -6.79 20.29
CA GLU A 9 7.48 -8.25 20.37
C GLU A 9 8.31 -8.98 19.33
N ARG A 10 8.31 -8.45 18.12
CA ARG A 10 9.07 -9.01 17.01
C ARG A 10 10.59 -8.95 17.28
N GLN A 11 11.06 -7.88 17.91
CA GLN A 11 12.50 -7.72 18.27
C GLN A 11 13.07 -8.96 19.01
N LYS A 12 12.18 -9.74 19.63
CA LYS A 12 12.52 -10.89 20.48
C LYS A 12 12.64 -12.24 19.75
N TYR A 13 12.21 -12.27 18.48
CA TYR A 13 12.34 -13.46 17.62
C TYR A 13 13.80 -13.93 17.50
N ILE A 14 14.00 -15.23 17.62
CA ILE A 14 15.32 -15.85 17.43
C ILE A 14 15.39 -16.48 16.02
N PRO A 15 16.12 -15.84 15.09
CA PRO A 15 16.23 -16.42 13.75
C PRO A 15 16.81 -17.86 13.77
N LYS A 16 16.35 -18.69 12.83
CA LYS A 16 16.76 -20.11 12.75
C LYS A 16 17.92 -20.32 11.77
N LEU A 17 18.97 -20.99 12.25
CA LEU A 17 20.25 -21.21 11.52
C LEU A 17 20.35 -22.65 10.96
N PRO A 18 21.18 -22.86 9.93
CA PRO A 18 21.51 -24.24 9.53
C PRO A 18 22.23 -24.97 10.66
N ASN A 19 21.92 -26.26 10.82
CA ASN A 19 22.50 -27.07 11.91
C ASN A 19 24.01 -26.90 12.04
N ILE A 20 24.69 -26.91 10.90
CA ILE A 20 26.14 -26.74 10.81
C ILE A 20 26.68 -25.47 11.51
N LEU A 21 25.95 -24.36 11.36
CA LEU A 21 26.40 -23.08 11.87
C LEU A 21 26.28 -22.98 13.39
N LYS A 22 25.64 -23.97 13.99
CA LYS A 22 25.47 -24.04 15.44
C LYS A 22 26.67 -24.71 16.13
N LYS A 23 27.50 -25.37 15.35
CA LYS A 23 28.68 -26.07 15.85
C LYS A 23 29.83 -25.07 16.09
N ASP A 24 30.78 -25.43 16.95
CA ASP A 24 31.99 -24.63 17.18
C ASP A 24 32.70 -24.34 15.86
N PHE A 25 33.35 -23.17 15.78
CA PHE A 25 34.07 -22.78 14.56
C PHE A 25 35.30 -23.67 14.29
N ASN A 26 35.95 -24.15 15.36
CA ASN A 26 36.98 -25.19 15.25
C ASN A 26 36.38 -26.59 15.07
N ASN A 27 35.10 -26.64 14.65
CA ASN A 27 34.37 -27.89 14.40
C ASN A 27 33.67 -27.90 13.04
N ILE A 28 33.94 -26.86 12.24
CA ILE A 28 33.29 -26.67 10.94
C ILE A 28 34.34 -26.67 9.82
N SER A 29 34.33 -27.71 8.99
CA SER A 29 35.35 -27.86 7.95
C SER A 29 34.83 -27.65 6.55
N LEU A 30 35.72 -27.17 5.67
CA LEU A 30 35.40 -26.90 4.27
C LEU A 30 35.18 -28.18 3.49
N VAL A 31 34.49 -28.03 2.36
CA VAL A 31 34.43 -29.03 1.31
C VAL A 31 34.55 -28.26 0.03
N TYR A 32 35.68 -28.45 -0.65
CA TYR A 32 35.91 -27.77 -1.92
C TYR A 32 35.22 -28.59 -2.98
N GLY A 33 34.99 -28.00 -4.15
CA GLY A 33 34.19 -28.66 -5.18
C GLY A 33 34.43 -28.15 -6.56
N GLU A 34 33.40 -28.26 -7.39
CA GLU A 34 33.45 -27.83 -8.79
C GLU A 34 34.12 -26.46 -8.94
N ASN A 35 34.96 -26.32 -9.97
CA ASN A 35 35.58 -25.03 -10.31
C ASN A 35 34.61 -24.21 -11.15
N THR A 36 34.95 -22.96 -11.41
CA THR A 36 33.99 -22.01 -12.01
C THR A 36 34.52 -21.23 -13.21
N GLU A 37 33.60 -20.58 -13.92
CA GLU A 37 33.94 -19.61 -14.97
C GLU A 37 32.80 -18.61 -15.10
N ALA A 38 33.01 -17.54 -15.86
CA ALA A 38 31.99 -16.51 -16.08
C ALA A 38 30.90 -16.99 -17.03
N ILE A 39 29.81 -16.24 -17.13
CA ILE A 39 28.68 -16.59 -17.99
C ILE A 39 29.01 -16.36 -19.48
N GLN A 40 29.48 -15.17 -19.83
CA GLN A 40 29.92 -14.85 -21.20
C GLN A 40 31.00 -13.75 -21.23
N ASP A 41 31.61 -13.56 -22.41
CA ASP A 41 32.84 -12.75 -22.56
C ASP A 41 33.93 -13.26 -21.62
N ARG A 42 34.06 -14.59 -21.56
CA ARG A 42 34.89 -15.26 -20.55
C ARG A 42 36.38 -14.95 -20.73
N GLN A 43 36.76 -14.74 -21.98
CA GLN A 43 38.12 -14.38 -22.39
C GLN A 43 38.60 -13.07 -21.74
N ALA A 44 37.87 -11.98 -22.02
CA ALA A 44 38.17 -10.65 -21.48
C ALA A 44 38.08 -10.58 -19.94
N LEU A 45 37.11 -11.30 -19.36
CA LEU A 45 36.96 -11.38 -17.91
C LEU A 45 38.11 -12.16 -17.23
N LYS A 46 38.79 -13.01 -17.98
CA LYS A 46 39.94 -13.76 -17.45
C LYS A 46 41.20 -12.89 -17.38
N GLU A 47 41.24 -11.85 -18.21
CA GLU A 47 42.27 -10.82 -18.12
C GLU A 47 42.06 -9.97 -16.86
N PHE A 48 40.85 -9.40 -16.75
CA PHE A 48 40.50 -8.48 -15.67
C PHE A 48 40.56 -9.09 -14.28
N PHE A 49 40.04 -10.31 -14.14
CA PHE A 49 40.01 -10.98 -12.83
C PHE A 49 41.08 -12.08 -12.74
N LYS A 50 42.34 -11.66 -12.84
CA LYS A 50 43.47 -12.59 -12.92
C LYS A 50 43.83 -13.33 -11.61
N ASN A 51 43.25 -12.90 -10.49
CA ASN A 51 43.63 -13.44 -9.18
C ASN A 51 42.53 -14.24 -8.45
N THR A 52 41.31 -14.15 -8.96
CA THR A 52 40.13 -14.68 -8.27
C THR A 52 39.16 -15.46 -9.19
N TYR A 53 39.49 -15.54 -10.47
CA TYR A 53 38.77 -16.38 -11.42
C TYR A 53 38.87 -17.87 -11.04
N GLY A 54 37.77 -18.59 -11.28
CA GLY A 54 37.75 -20.05 -11.22
C GLY A 54 37.95 -20.68 -9.86
N LEU A 55 37.65 -19.93 -8.79
CA LEU A 55 37.71 -20.48 -7.44
C LEU A 55 36.69 -21.62 -7.25
N PRO A 56 36.90 -22.50 -6.24
CA PRO A 56 36.00 -23.64 -5.94
C PRO A 56 34.74 -23.28 -5.11
N ILE A 57 33.63 -23.96 -5.43
CA ILE A 57 32.39 -23.90 -4.63
C ILE A 57 32.70 -24.49 -3.25
N ILE A 58 32.15 -23.88 -2.21
CA ILE A 58 32.44 -24.25 -0.83
C ILE A 58 31.18 -24.77 -0.11
N SER A 59 31.36 -25.77 0.76
CA SER A 59 30.31 -26.22 1.67
C SER A 59 30.92 -26.41 3.06
N PHE A 60 30.07 -26.52 4.08
CA PHE A 60 30.55 -26.75 5.43
C PHE A 60 30.05 -28.08 5.99
N THR A 61 30.92 -28.77 6.72
CA THR A 61 30.56 -30.02 7.40
C THR A 61 31.26 -30.18 8.77
N GLU A 62 30.71 -31.05 9.62
CA GLU A 62 31.28 -31.30 10.96
C GLU A 62 32.67 -31.92 10.86
N GLY A 63 33.67 -31.26 11.46
CA GLY A 63 35.07 -31.68 11.35
C GLY A 63 36.05 -30.80 12.14
N GLU A 64 37.27 -30.64 11.62
CA GLU A 64 38.30 -29.84 12.32
C GLU A 64 38.55 -28.46 11.69
N SER A 65 39.14 -28.46 10.49
CA SER A 65 39.45 -27.24 9.69
C SER A 65 40.62 -26.39 10.22
N SER A 66 41.41 -25.84 9.28
CA SER A 66 42.45 -24.85 9.59
C SER A 66 41.89 -23.43 9.73
N LEU A 67 41.92 -22.91 10.96
CA LEU A 67 41.37 -21.58 11.28
C LEU A 67 42.41 -20.48 11.03
N SER A 68 42.15 -19.64 10.03
CA SER A 68 43.09 -18.59 9.57
C SER A 68 43.23 -17.36 10.50
N PHE A 69 42.63 -17.43 11.69
CA PHE A 69 42.68 -16.35 12.67
C PHE A 69 42.76 -16.87 14.10
N SER A 70 43.65 -16.29 14.90
CA SER A 70 43.75 -16.62 16.32
C SER A 70 43.45 -15.41 17.22
N LYS A 71 43.47 -14.21 16.63
CA LYS A 71 43.20 -12.96 17.36
C LYS A 71 41.91 -12.29 16.90
N ALA A 72 41.35 -11.45 17.77
CA ALA A 72 40.05 -10.78 17.55
C ALA A 72 39.94 -10.11 16.18
N LEU A 73 38.74 -10.17 15.60
CA LEU A 73 38.50 -9.67 14.25
C LEU A 73 38.01 -8.22 14.25
N ASN A 74 38.41 -7.48 13.23
CA ASN A 74 37.79 -6.19 12.89
C ASN A 74 37.16 -6.26 11.51
N ILE A 75 35.83 -6.21 11.47
CA ILE A 75 35.09 -6.23 10.22
C ILE A 75 34.45 -4.88 9.90
N GLY A 76 34.48 -4.50 8.63
CA GLY A 76 33.67 -3.41 8.11
C GLY A 76 32.49 -3.91 7.28
N ILE A 77 31.39 -3.18 7.33
CA ILE A 77 30.15 -3.62 6.68
C ILE A 77 29.42 -2.47 5.95
N ILE A 78 28.93 -2.77 4.74
CA ILE A 78 28.36 -1.78 3.81
C ILE A 78 26.96 -2.20 3.34
N LEU A 79 25.95 -1.33 3.53
CA LEU A 79 24.61 -1.53 2.95
C LEU A 79 24.47 -0.72 1.66
N SER A 80 24.09 -1.41 0.59
CA SER A 80 24.21 -0.83 -0.76
C SER A 80 22.90 -0.92 -1.56
N GLY A 81 22.69 0.08 -2.43
CA GLY A 81 21.49 0.18 -3.27
C GLY A 81 20.23 0.43 -2.47
N GLY A 82 19.09 0.03 -3.04
CA GLY A 82 17.79 0.12 -2.38
C GLY A 82 17.62 -0.86 -1.24
N PRO A 83 16.86 -0.46 -0.19
CA PRO A 83 16.62 -1.43 0.88
C PRO A 83 15.89 -2.72 0.48
N ALA A 84 16.08 -3.74 1.31
CA ALA A 84 15.40 -5.04 1.17
C ALA A 84 15.16 -5.55 2.60
N PRO A 85 13.95 -6.02 2.91
CA PRO A 85 13.75 -6.44 4.30
C PRO A 85 14.70 -7.56 4.74
N GLY A 86 15.41 -7.33 5.85
CA GLY A 86 16.28 -8.33 6.47
C GLY A 86 17.73 -7.92 6.53
N GLY A 87 18.08 -6.79 5.90
CA GLY A 87 19.44 -6.27 5.95
C GLY A 87 19.96 -6.13 7.38
N HIS A 88 19.11 -5.73 8.31
CA HIS A 88 19.51 -5.60 9.72
C HIS A 88 19.79 -6.96 10.40
N ASN A 89 19.11 -8.03 9.95
CA ASN A 89 19.44 -9.41 10.40
C ASN A 89 20.74 -9.95 9.79
N VAL A 90 21.12 -9.47 8.59
CA VAL A 90 22.44 -9.82 8.08
C VAL A 90 23.46 -9.32 9.09
N ILE A 91 23.33 -8.04 9.45
CA ILE A 91 24.25 -7.38 10.34
C ILE A 91 24.31 -8.03 11.72
N SER A 92 23.14 -8.37 12.28
CA SER A 92 23.06 -9.02 13.58
C SER A 92 23.65 -10.44 13.60
N GLY A 93 23.67 -11.09 12.45
CA GLY A 93 24.31 -12.40 12.27
C GLY A 93 25.82 -12.32 12.19
N VAL A 94 26.35 -11.30 11.51
CA VAL A 94 27.80 -11.01 11.56
C VAL A 94 28.26 -10.73 13.01
N PHE A 95 27.54 -9.85 13.70
CA PHE A 95 27.90 -9.42 15.04
C PHE A 95 27.91 -10.60 16.04
N ASP A 96 26.83 -11.38 16.05
CA ASP A 96 26.71 -12.53 16.93
C ASP A 96 27.80 -13.58 16.68
N ALA A 97 28.20 -13.72 15.42
CA ALA A 97 29.22 -14.67 15.05
C ALA A 97 30.62 -14.23 15.49
N ILE A 98 30.97 -12.96 15.29
CA ILE A 98 32.30 -12.45 15.70
C ILE A 98 32.44 -12.34 17.21
N LYS A 99 31.32 -12.11 17.91
CA LYS A 99 31.32 -12.10 19.36
C LYS A 99 31.51 -13.51 19.93
N LYS A 100 30.83 -14.47 19.31
CA LYS A 100 30.99 -15.90 19.60
C LYS A 100 32.45 -16.31 19.42
N PHE A 101 33.03 -15.97 18.27
CA PHE A 101 34.41 -16.30 17.97
C PHE A 101 35.39 -15.71 19.00
N ASN A 102 35.25 -14.40 19.25
CA ASN A 102 36.12 -13.66 20.15
C ASN A 102 35.41 -12.38 20.62
N PRO A 103 35.07 -12.30 21.92
CA PRO A 103 34.26 -11.18 22.45
C PRO A 103 34.90 -9.80 22.25
N ASN A 104 36.19 -9.80 21.93
CA ASN A 104 36.94 -8.57 21.70
C ASN A 104 36.86 -8.10 20.24
N SER A 105 36.06 -8.82 19.44
CA SER A 105 35.83 -8.45 18.04
C SER A 105 34.94 -7.22 17.92
N LYS A 106 35.29 -6.36 16.98
CA LYS A 106 34.53 -5.14 16.67
C LYS A 106 34.00 -5.11 15.21
N LEU A 107 32.77 -4.62 15.07
CA LEU A 107 32.10 -4.44 13.79
C LEU A 107 31.84 -2.96 13.52
N PHE A 108 32.27 -2.49 12.36
CA PHE A 108 32.14 -1.07 11.98
C PHE A 108 31.26 -0.90 10.77
N GLY A 109 30.22 -0.08 10.91
CA GLY A 109 29.28 0.21 9.82
C GLY A 109 29.58 1.51 9.10
N PHE A 110 29.92 1.40 7.82
CA PHE A 110 30.14 2.54 6.94
C PHE A 110 28.80 3.11 6.51
N LYS A 111 28.70 4.43 6.54
CA LYS A 111 27.42 5.12 6.40
C LYS A 111 27.13 5.45 4.94
N GLY A 112 25.86 5.32 4.54
CA GLY A 112 25.39 5.71 3.20
C GLY A 112 25.96 4.96 2.02
N GLY A 113 26.28 3.69 2.20
CA GLY A 113 26.79 2.85 1.12
C GLY A 113 28.29 2.95 0.96
N PRO A 114 28.79 2.57 -0.24
CA PRO A 114 30.22 2.56 -0.57
C PRO A 114 30.90 3.93 -0.41
N LEU A 115 30.17 5.02 -0.62
CA LEU A 115 30.69 6.39 -0.41
C LEU A 115 31.24 6.55 1.02
N GLY A 116 30.56 5.96 1.99
CA GLY A 116 31.03 5.89 3.37
C GLY A 116 32.40 5.25 3.54
N LEU A 117 32.71 4.26 2.70
CA LEU A 117 34.04 3.67 2.72
C LEU A 117 35.05 4.67 2.17
N LEU A 118 34.71 5.27 1.03
CA LEU A 118 35.61 6.20 0.36
C LEU A 118 35.94 7.45 1.18
N GLU A 119 34.98 7.90 1.99
CA GLU A 119 35.13 9.13 2.77
C GLU A 119 35.39 8.85 4.26
N ASN A 120 35.74 7.61 4.60
CA ASN A 120 36.00 7.17 5.98
C ASN A 120 34.95 7.68 6.98
N ASP A 121 33.69 7.51 6.60
CA ASP A 121 32.56 7.93 7.40
C ASP A 121 31.87 6.68 7.96
N LYS A 122 32.10 6.39 9.23
CA LYS A 122 31.61 5.17 9.85
C LYS A 122 31.19 5.32 11.32
N ILE A 123 30.49 4.30 11.82
CA ILE A 123 30.19 4.17 13.25
C ILE A 123 30.49 2.74 13.70
N GLU A 124 30.90 2.57 14.97
CA GLU A 124 31.04 1.22 15.53
C GLU A 124 29.66 0.65 15.90
N LEU A 125 29.38 -0.54 15.39
CA LEU A 125 28.12 -1.22 15.70
C LEU A 125 28.25 -2.08 16.95
N THR A 126 27.65 -1.59 18.03
CA THR A 126 27.81 -2.18 19.35
C THR A 126 26.63 -3.07 19.70
N GLU A 127 26.70 -3.72 20.85
CA GLU A 127 25.69 -4.71 21.22
C GLU A 127 24.32 -4.10 21.47
N SER A 128 24.28 -2.90 22.07
CA SER A 128 22.99 -2.26 22.35
C SER A 128 22.37 -1.64 21.10
N LEU A 129 23.20 -1.14 20.20
CA LEU A 129 22.74 -0.62 18.91
C LEU A 129 22.15 -1.74 18.04
N ILE A 130 22.90 -2.82 17.83
CA ILE A 130 22.42 -4.00 17.10
C ILE A 130 21.10 -4.53 17.66
N ASN A 131 20.93 -4.46 18.99
CA ASN A 131 19.78 -5.00 19.66
C ASN A 131 18.46 -4.35 19.24
N SER A 132 18.47 -3.03 19.07
CA SER A 132 17.27 -2.29 18.71
C SER A 132 16.84 -2.49 17.24
N TYR A 133 17.73 -3.04 16.42
CA TYR A 133 17.47 -3.31 15.01
C TYR A 133 17.16 -4.78 14.65
N ARG A 134 17.31 -5.67 15.62
CA ARG A 134 17.06 -7.10 15.40
C ARG A 134 15.64 -7.34 14.87
N ASN A 135 15.55 -8.01 13.70
CA ASN A 135 14.26 -8.39 13.06
C ASN A 135 13.43 -7.23 12.44
N THR A 136 14.03 -6.04 12.39
CA THR A 136 13.34 -4.87 11.81
C THR A 136 13.56 -4.72 10.30
N GLY A 137 12.66 -3.97 9.66
CA GLY A 137 12.87 -3.55 8.26
C GLY A 137 13.87 -2.42 8.16
N GLY A 138 14.21 -2.04 6.93
CA GLY A 138 15.03 -0.84 6.71
C GLY A 138 16.51 -1.11 6.56
N PHE A 139 17.22 -0.08 6.10
CA PHE A 139 18.70 -0.06 6.02
C PHE A 139 19.24 1.10 6.91
N ASP A 140 18.36 1.60 7.78
CA ASP A 140 18.62 2.85 8.55
C ASP A 140 19.66 2.76 9.68
N ILE A 141 20.16 1.57 10.02
CA ILE A 141 21.27 1.50 10.98
C ILE A 141 22.47 2.36 10.51
N VAL A 142 22.78 2.32 9.23
CA VAL A 142 23.89 3.14 8.66
C VAL A 142 23.48 3.87 7.38
N SER A 143 22.24 3.63 6.94
CA SER A 143 21.70 4.07 5.64
C SER A 143 22.45 3.50 4.42
N SER A 144 21.96 3.76 3.20
CA SER A 144 22.60 3.25 1.98
C SER A 144 22.66 4.26 0.83
N GLY A 145 23.33 3.85 -0.25
CA GLY A 145 23.55 4.68 -1.43
C GLY A 145 23.98 3.77 -2.57
N ARG A 146 24.16 4.36 -3.77
CA ARG A 146 24.37 3.60 -5.00
C ARG A 146 25.69 3.90 -5.73
N THR A 147 26.70 4.36 -4.99
CA THR A 147 28.00 4.78 -5.54
C THR A 147 28.77 3.63 -6.22
N LYS A 148 29.28 3.92 -7.43
CA LYS A 148 30.10 2.98 -8.19
C LYS A 148 31.59 3.28 -8.03
N ILE A 149 32.31 2.36 -7.40
CA ILE A 149 33.77 2.44 -7.30
C ILE A 149 34.41 1.92 -8.60
N GLU A 150 35.10 2.80 -9.32
CA GLU A 150 35.77 2.42 -10.58
C GLU A 150 37.27 2.78 -10.61
N THR A 151 37.58 4.05 -10.37
CA THR A 151 38.93 4.60 -10.65
C THR A 151 40.02 4.08 -9.72
N GLU A 152 41.26 4.11 -10.21
CA GLU A 152 42.44 3.74 -9.43
C GLU A 152 42.50 4.53 -8.11
N GLU A 153 42.13 5.80 -8.18
CA GLU A 153 42.09 6.68 -7.00
C GLU A 153 41.01 6.28 -6.00
N HIS A 154 39.84 5.91 -6.49
CA HIS A 154 38.79 5.36 -5.62
C HIS A 154 39.24 4.10 -4.92
N TYR A 155 39.95 3.23 -5.63
CA TYR A 155 40.42 1.99 -5.02
C TYR A 155 41.59 2.22 -4.07
N ASN A 156 42.48 3.16 -4.42
CA ASN A 156 43.50 3.68 -3.51
C ASN A 156 42.90 4.17 -2.20
N LYS A 157 41.89 5.04 -2.32
CA LYS A 157 41.15 5.57 -1.19
C LYS A 157 40.52 4.43 -0.37
N ALA A 158 39.83 3.52 -1.06
CA ALA A 158 39.21 2.36 -0.42
C ALA A 158 40.25 1.58 0.38
N LEU A 159 41.42 1.37 -0.22
CA LEU A 159 42.55 0.70 0.44
C LEU A 159 43.05 1.46 1.66
N PHE A 160 43.30 2.77 1.51
CA PHE A 160 43.81 3.59 2.63
C PHE A 160 42.89 3.58 3.84
N VAL A 161 41.59 3.80 3.60
CA VAL A 161 40.57 3.79 4.66
C VAL A 161 40.48 2.42 5.35
N ALA A 162 40.49 1.35 4.54
CA ALA A 162 40.43 -0.02 5.03
C ALA A 162 41.60 -0.35 5.95
N LYS A 163 42.78 0.10 5.54
CA LYS A 163 44.03 -0.20 6.25
C LYS A 163 44.18 0.63 7.53
N GLU A 164 43.79 1.91 7.45
CA GLU A 164 43.79 2.79 8.61
C GLU A 164 42.83 2.33 9.72
N ASN A 165 41.77 1.64 9.33
CA ASN A 165 40.79 1.17 10.31
C ASN A 165 41.10 -0.23 10.85
N ASN A 166 42.28 -0.74 10.50
CA ASN A 166 42.78 -2.05 10.91
C ASN A 166 41.82 -3.19 10.57
N LEU A 167 41.22 -3.10 9.40
CA LEU A 167 40.17 -4.04 9.00
C LEU A 167 40.73 -5.36 8.47
N ASN A 168 40.32 -6.46 9.09
CA ASN A 168 40.57 -7.79 8.55
C ASN A 168 39.75 -8.05 7.30
N ALA A 169 38.48 -7.63 7.32
CA ALA A 169 37.52 -7.95 6.27
C ALA A 169 36.44 -6.89 6.04
N ILE A 170 35.94 -6.81 4.80
CA ILE A 170 34.82 -5.94 4.44
C ILE A 170 33.65 -6.77 3.90
N ILE A 171 32.47 -6.60 4.49
CA ILE A 171 31.26 -7.30 4.04
C ILE A 171 30.32 -6.33 3.30
N ILE A 172 30.05 -6.63 2.03
CA ILE A 172 29.20 -5.77 1.19
C ILE A 172 27.87 -6.45 0.90
N ILE A 173 26.82 -5.76 1.33
CA ILE A 173 25.45 -6.23 1.23
C ILE A 173 24.73 -5.40 0.17
N GLY A 174 24.38 -6.05 -0.94
CA GLY A 174 23.72 -5.38 -2.03
C GLY A 174 23.38 -6.25 -3.21
N GLY A 175 22.97 -5.59 -4.31
CA GLY A 175 22.46 -6.28 -5.50
C GLY A 175 23.51 -6.61 -6.54
N ASP A 176 23.09 -6.69 -7.80
CA ASP A 176 24.02 -6.86 -8.92
C ASP A 176 25.02 -5.71 -9.04
N ASP A 177 24.54 -4.48 -8.83
CA ASP A 177 25.43 -3.30 -8.86
C ASP A 177 26.52 -3.39 -7.77
N SER A 178 26.11 -3.68 -6.53
CA SER A 178 27.04 -3.73 -5.39
C SER A 178 28.00 -4.91 -5.39
N ASN A 179 27.53 -6.06 -5.86
CA ASN A 179 28.41 -7.23 -5.90
C ASN A 179 29.39 -7.15 -7.11
N THR A 180 29.05 -6.28 -8.06
CA THR A 180 29.99 -5.76 -9.06
C THR A 180 31.15 -5.00 -8.37
N ASN A 181 30.81 -4.04 -7.50
CA ASN A 181 31.82 -3.34 -6.68
C ASN A 181 32.68 -4.35 -5.89
N ALA A 182 32.03 -5.31 -5.22
CA ALA A 182 32.70 -6.25 -4.31
C ALA A 182 33.68 -7.21 -5.01
N ALA A 183 33.30 -7.62 -6.21
CA ALA A 183 34.09 -8.52 -7.04
C ALA A 183 35.40 -7.85 -7.43
N ILE A 184 35.29 -6.62 -7.92
CA ILE A 184 36.47 -5.85 -8.33
C ILE A 184 37.35 -5.42 -7.13
N LEU A 185 36.73 -5.08 -6.01
CA LEU A 185 37.47 -4.72 -4.79
C LEU A 185 38.32 -5.87 -4.26
N ALA A 186 37.76 -7.09 -4.25
CA ALA A 186 38.50 -8.29 -3.84
C ALA A 186 39.71 -8.55 -4.75
N GLU A 187 39.51 -8.29 -6.04
CA GLU A 187 40.54 -8.43 -7.08
C GLU A 187 41.66 -7.39 -6.90
N TYR A 188 41.28 -6.16 -6.58
CA TYR A 188 42.21 -5.07 -6.31
C TYR A 188 43.11 -5.36 -5.12
N PHE A 189 42.49 -5.71 -3.98
CA PHE A 189 43.21 -6.02 -2.75
C PHE A 189 44.21 -7.17 -2.91
N LYS A 190 43.84 -8.16 -3.74
CA LYS A 190 44.68 -9.33 -4.00
C LYS A 190 45.85 -9.01 -4.92
N LYS A 191 45.52 -8.42 -6.06
CA LYS A 191 46.46 -7.94 -7.06
C LYS A 191 47.55 -7.03 -6.47
N ASN A 192 47.16 -6.19 -5.50
CA ASN A 192 48.12 -5.32 -4.85
C ASN A 192 48.81 -5.96 -3.65
N GLY A 193 48.38 -7.15 -3.26
CA GLY A 193 49.07 -7.95 -2.24
C GLY A 193 48.58 -7.90 -0.80
N GLU A 194 47.43 -7.29 -0.57
CA GLU A 194 46.87 -7.11 0.79
C GLU A 194 46.04 -8.28 1.34
N ASN A 195 46.00 -8.38 2.67
CA ASN A 195 45.34 -9.47 3.38
C ASN A 195 43.86 -9.23 3.73
N ILE A 196 43.33 -8.07 3.33
CA ILE A 196 41.92 -7.72 3.59
C ILE A 196 40.94 -8.54 2.76
N GLN A 197 40.05 -9.27 3.44
CA GLN A 197 39.07 -10.14 2.77
C GLN A 197 37.77 -9.38 2.44
N VAL A 198 37.15 -9.73 1.31
CA VAL A 198 35.90 -9.14 0.84
C VAL A 198 34.81 -10.20 0.55
N ILE A 199 33.75 -10.23 1.36
CA ILE A 199 32.60 -11.14 1.18
C ILE A 199 31.34 -10.37 0.76
N GLY A 200 30.68 -10.86 -0.29
CA GLY A 200 29.40 -10.34 -0.74
C GLY A 200 28.21 -11.08 -0.15
N VAL A 201 27.09 -10.37 -0.02
CA VAL A 201 25.82 -10.96 0.44
C VAL A 201 24.71 -10.66 -0.60
N PRO A 202 23.89 -11.68 -0.98
CA PRO A 202 22.91 -11.52 -2.08
C PRO A 202 21.58 -10.86 -1.70
N LYS A 203 21.53 -9.53 -1.82
CA LYS A 203 20.37 -8.72 -1.48
C LYS A 203 19.64 -8.26 -2.73
N THR A 204 18.30 -8.37 -2.74
CA THR A 204 17.45 -7.51 -3.58
C THR A 204 16.02 -7.99 -3.64
N ILE A 205 15.08 -7.06 -3.45
CA ILE A 205 13.66 -7.37 -3.66
C ILE A 205 13.36 -7.74 -5.12
N ASP A 206 14.26 -7.42 -6.04
CA ASP A 206 14.05 -7.70 -7.48
C ASP A 206 14.36 -9.14 -7.91
N ALA A 207 15.08 -9.89 -7.05
CA ALA A 207 15.49 -11.26 -7.31
C ALA A 207 16.26 -11.49 -8.63
N ASP A 208 17.03 -10.49 -9.04
CA ASP A 208 17.78 -10.57 -10.32
C ASP A 208 19.24 -10.93 -10.05
N LEU A 209 19.46 -11.45 -8.85
CA LEU A 209 20.72 -12.01 -8.43
C LEU A 209 20.38 -13.47 -8.09
N ARG A 210 20.68 -14.37 -9.05
CA ARG A 210 20.22 -15.75 -9.08
C ARG A 210 21.17 -16.59 -9.91
N ASN A 211 21.43 -17.83 -9.47
CA ASN A 211 22.00 -18.87 -10.35
C ASN A 211 21.65 -20.30 -9.84
N ASP A 212 22.32 -21.35 -10.32
CA ASP A 212 22.07 -22.73 -9.80
C ASP A 212 22.35 -22.84 -8.31
N HIS A 213 23.25 -22.00 -7.81
CA HIS A 213 23.69 -22.07 -6.42
C HIS A 213 22.97 -21.09 -5.49
N ILE A 214 22.71 -19.89 -6.02
CA ILE A 214 21.96 -18.86 -5.28
C ILE A 214 20.51 -18.99 -5.71
N GLU A 215 19.70 -19.55 -4.83
CA GLU A 215 18.33 -19.96 -5.19
C GLU A 215 17.38 -18.77 -5.23
N ILE A 216 17.66 -17.78 -4.38
CA ILE A 216 16.92 -16.50 -4.36
C ILE A 216 17.77 -15.44 -3.62
N SER A 217 17.52 -14.17 -3.92
CA SER A 217 18.13 -13.04 -3.18
C SER A 217 17.20 -12.67 -2.01
N PHE A 218 17.75 -12.11 -0.93
CA PHE A 218 16.95 -11.83 0.23
C PHE A 218 16.09 -10.57 0.03
N GLY A 219 14.90 -10.57 0.64
CA GLY A 219 13.96 -9.44 0.59
C GLY A 219 12.82 -9.60 -0.38
N PHE A 220 13.06 -10.40 -1.44
CA PHE A 220 12.06 -10.73 -2.46
C PHE A 220 10.80 -11.38 -1.85
N ASP A 221 11.03 -12.31 -0.93
CA ASP A 221 9.96 -12.98 -0.22
C ASP A 221 9.02 -11.96 0.50
N SER A 222 9.61 -11.11 1.32
CA SER A 222 8.86 -10.14 2.13
C SER A 222 8.13 -9.14 1.26
N ALA A 223 8.84 -8.56 0.29
CA ALA A 223 8.29 -7.53 -0.61
C ALA A 223 7.11 -8.03 -1.43
N THR A 224 7.27 -9.20 -2.08
CA THR A 224 6.18 -9.75 -2.88
C THR A 224 4.96 -10.09 -2.02
N LYS A 225 5.22 -10.50 -0.78
CA LYS A 225 4.14 -10.79 0.17
C LYS A 225 3.29 -9.56 0.48
N ILE A 226 3.93 -8.42 0.76
CA ILE A 226 3.16 -7.18 0.98
C ILE A 226 2.51 -6.71 -0.30
N TYR A 227 3.24 -6.71 -1.41
CA TYR A 227 2.60 -6.32 -2.68
C TYR A 227 1.39 -7.19 -3.04
N SER A 228 1.45 -8.50 -2.77
CA SER A 228 0.33 -9.42 -3.08
C SER A 228 -0.87 -9.26 -2.16
N GLU A 229 -0.62 -8.96 -0.88
CA GLU A 229 -1.69 -8.58 0.06
C GLU A 229 -2.55 -7.43 -0.51
N LEU A 230 -1.88 -6.38 -0.96
CA LEU A 230 -2.52 -5.18 -1.49
C LEU A 230 -3.28 -5.46 -2.78
N ILE A 231 -2.65 -6.19 -3.70
CA ILE A 231 -3.29 -6.55 -4.96
C ILE A 231 -4.50 -7.45 -4.71
N GLY A 232 -4.38 -8.40 -3.79
CA GLY A 232 -5.51 -9.25 -3.39
C GLY A 232 -6.63 -8.39 -2.83
N ASN A 233 -6.28 -7.42 -2.00
CA ASN A 233 -7.28 -6.44 -1.50
C ASN A 233 -7.96 -5.67 -2.65
N LEU A 234 -7.22 -5.26 -3.67
CA LEU A 234 -7.81 -4.55 -4.82
C LEU A 234 -8.72 -5.47 -5.62
N CYS A 235 -8.29 -6.73 -5.77
CA CYS A 235 -9.13 -7.74 -6.43
C CYS A 235 -10.42 -7.89 -5.65
N ARG A 236 -10.34 -7.96 -4.31
CA ARG A 236 -11.57 -8.13 -3.56
C ARG A 236 -12.48 -6.89 -3.63
N ASP A 237 -11.90 -5.70 -3.63
CA ASP A 237 -12.70 -4.46 -3.83
C ASP A 237 -13.37 -4.42 -5.21
N ALA A 238 -12.62 -4.75 -6.25
CA ALA A 238 -13.16 -4.86 -7.62
C ALA A 238 -14.34 -5.84 -7.68
N MET A 239 -14.17 -7.04 -7.10
CA MET A 239 -15.28 -8.01 -6.96
C MET A 239 -16.48 -7.47 -6.14
N SER A 240 -16.21 -6.74 -5.07
CA SER A 240 -17.27 -6.24 -4.20
C SER A 240 -18.17 -5.17 -4.88
N THR A 241 -17.56 -4.27 -5.64
CA THR A 241 -18.25 -3.11 -6.23
C THR A 241 -18.57 -3.26 -7.72
N LYS A 242 -17.74 -4.05 -8.41
CA LYS A 242 -17.97 -4.41 -9.82
C LYS A 242 -17.95 -3.24 -10.83
N LYS A 243 -16.99 -2.32 -10.70
CA LYS A 243 -16.97 -1.19 -11.64
C LYS A 243 -15.61 -0.66 -12.07
N TYR A 244 -14.56 -1.02 -11.33
CA TYR A 244 -13.24 -0.42 -11.53
C TYR A 244 -12.22 -1.36 -12.19
N TRP A 245 -11.41 -0.82 -13.10
CA TRP A 245 -10.26 -1.52 -13.68
C TRP A 245 -9.00 -0.92 -13.04
N HIS A 246 -8.37 -1.69 -12.14
CA HIS A 246 -7.14 -1.32 -11.44
C HIS A 246 -5.89 -1.70 -12.25
N PHE A 247 -4.99 -0.73 -12.46
CA PHE A 247 -3.70 -0.94 -13.15
C PHE A 247 -2.58 -0.70 -12.16
N VAL A 248 -1.92 -1.81 -11.80
CA VAL A 248 -0.92 -1.80 -10.76
C VAL A 248 0.53 -1.94 -11.27
N LYS A 249 1.29 -0.85 -11.21
CA LYS A 249 2.73 -0.95 -11.48
C LYS A 249 3.44 -1.53 -10.25
N LEU A 250 4.48 -2.31 -10.48
CA LEU A 250 5.26 -2.93 -9.43
C LEU A 250 6.73 -2.68 -9.66
N MET A 251 7.49 -2.58 -8.58
CA MET A 251 8.92 -2.56 -8.63
C MET A 251 9.47 -3.92 -9.10
N GLY A 252 10.77 -4.00 -9.38
CA GLY A 252 11.32 -5.20 -10.00
C GLY A 252 12.52 -4.87 -10.87
N ARG A 253 12.67 -3.57 -11.15
CA ARG A 253 13.64 -3.06 -12.12
C ARG A 253 13.42 -3.68 -13.51
N SER A 254 14.45 -4.35 -14.08
CA SER A 254 14.32 -4.89 -15.44
C SER A 254 13.46 -6.16 -15.50
N ALA A 255 13.80 -7.12 -14.65
CA ALA A 255 13.16 -8.44 -14.62
C ALA A 255 11.72 -8.39 -14.11
N SER A 256 10.92 -9.38 -14.51
CA SER A 256 9.54 -9.53 -14.04
C SER A 256 9.37 -10.58 -12.93
N HIS A 257 10.42 -10.89 -12.18
CA HIS A 257 10.28 -11.84 -11.03
C HIS A 257 9.20 -11.39 -10.04
N VAL A 258 9.18 -10.10 -9.71
CA VAL A 258 8.18 -9.56 -8.75
C VAL A 258 6.77 -9.65 -9.28
N ALA A 259 6.56 -9.18 -10.51
CA ALA A 259 5.28 -9.20 -11.16
C ALA A 259 4.72 -10.63 -11.28
N LEU A 260 5.55 -11.55 -11.77
CA LEU A 260 5.15 -12.97 -11.91
C LEU A 260 4.76 -13.64 -10.57
N GLU A 261 5.54 -13.43 -9.52
CA GLU A 261 5.18 -13.93 -8.18
C GLU A 261 3.82 -13.40 -7.73
N CYS A 262 3.63 -12.07 -7.86
CA CYS A 262 2.36 -11.51 -7.41
C CYS A 262 1.18 -12.06 -8.22
N ALA A 263 1.37 -12.28 -9.53
CA ALA A 263 0.35 -12.94 -10.33
C ALA A 263 0.01 -14.35 -9.85
N LEU A 264 1.03 -15.14 -9.51
CA LEU A 264 0.79 -16.52 -9.02
C LEU A 264 0.14 -16.49 -7.61
N LYS A 265 0.38 -15.42 -6.85
CA LYS A 265 -0.27 -15.23 -5.52
C LYS A 265 -1.71 -14.78 -5.55
N THR A 266 -2.12 -14.10 -6.63
CA THR A 266 -3.39 -13.37 -6.64
C THR A 266 -4.36 -13.74 -7.78
N HIS A 267 -3.83 -14.32 -8.85
CA HIS A 267 -4.63 -14.63 -10.06
C HIS A 267 -5.34 -13.36 -10.59
N PRO A 268 -4.56 -12.31 -10.93
CA PRO A 268 -5.18 -11.12 -11.54
C PRO A 268 -5.67 -11.45 -12.94
N ASN A 269 -6.47 -10.57 -13.53
CA ASN A 269 -6.96 -10.81 -14.89
C ASN A 269 -5.88 -10.66 -15.97
N ILE A 270 -4.90 -9.79 -15.73
CA ILE A 270 -3.79 -9.58 -16.68
C ILE A 270 -2.52 -9.37 -15.90
N CYS A 271 -1.47 -10.06 -16.31
CA CYS A 271 -0.10 -9.76 -15.90
C CYS A 271 0.82 -9.76 -17.14
N ILE A 272 1.47 -8.62 -17.40
CA ILE A 272 2.44 -8.55 -18.51
C ILE A 272 3.83 -9.04 -18.04
N VAL A 273 4.44 -9.92 -18.84
CA VAL A 273 5.79 -10.42 -18.56
C VAL A 273 6.72 -9.90 -19.64
N SER A 274 7.58 -8.95 -19.26
CA SER A 274 8.44 -8.21 -20.19
C SER A 274 9.33 -9.15 -21.04
N GLU A 275 9.95 -10.15 -20.39
CA GLU A 275 10.76 -11.18 -21.06
C GLU A 275 10.02 -11.83 -22.22
N GLU A 276 8.73 -12.18 -22.04
CA GLU A 276 7.89 -12.72 -23.12
C GLU A 276 7.60 -11.71 -24.25
N VAL A 277 7.38 -10.45 -23.86
CA VAL A 277 7.21 -9.34 -24.80
C VAL A 277 8.44 -9.20 -25.74
N LEU A 278 9.64 -9.27 -25.15
CA LEU A 278 10.87 -9.22 -25.93
C LEU A 278 11.03 -10.46 -26.83
N ALA A 279 10.80 -11.66 -26.27
CA ALA A 279 10.87 -12.89 -27.07
C ALA A 279 9.96 -12.85 -28.27
N LYS A 280 8.75 -12.29 -28.11
CA LYS A 280 7.77 -12.25 -29.19
C LYS A 280 7.84 -10.93 -29.99
N LYS A 281 8.83 -10.10 -29.68
CA LYS A 281 9.07 -8.84 -30.40
C LYS A 281 7.79 -7.98 -30.55
N LYS A 282 7.00 -7.90 -29.48
CA LYS A 282 5.71 -7.21 -29.55
C LYS A 282 5.92 -5.70 -29.63
N THR A 283 5.00 -5.01 -30.29
CA THR A 283 5.03 -3.56 -30.27
C THR A 283 4.12 -3.10 -29.13
N LEU A 284 4.20 -1.82 -28.77
CA LEU A 284 3.33 -1.25 -27.74
C LEU A 284 1.85 -1.39 -28.13
N SER A 285 1.53 -0.99 -29.36
CA SER A 285 0.18 -1.11 -29.90
C SER A 285 -0.43 -2.53 -29.82
N GLU A 286 0.38 -3.57 -30.05
CA GLU A 286 -0.03 -4.98 -29.95
C GLU A 286 -0.34 -5.40 -28.49
N ILE A 287 0.51 -4.97 -27.54
CA ILE A 287 0.26 -5.18 -26.09
C ILE A 287 -1.09 -4.57 -25.71
N ILE A 288 -1.30 -3.31 -26.08
CA ILE A 288 -2.56 -2.59 -25.87
C ILE A 288 -3.77 -3.39 -26.36
N ASP A 289 -3.78 -3.75 -27.65
CA ASP A 289 -4.90 -4.51 -28.23
C ASP A 289 -5.21 -5.85 -27.52
N GLU A 290 -4.17 -6.56 -27.07
CA GLU A 290 -4.38 -7.81 -26.31
C GLU A 290 -5.09 -7.55 -24.97
N MET A 291 -4.76 -6.42 -24.32
CA MET A 291 -5.42 -6.03 -23.08
C MET A 291 -6.87 -5.60 -23.31
N VAL A 292 -7.11 -4.84 -24.39
CA VAL A 292 -8.44 -4.37 -24.78
C VAL A 292 -9.40 -5.55 -25.06
N SER A 293 -8.87 -6.57 -25.73
CA SER A 293 -9.64 -7.77 -26.02
C SER A 293 -10.15 -8.47 -24.74
N VAL A 294 -9.29 -8.61 -23.74
CA VAL A 294 -9.67 -9.14 -22.42
C VAL A 294 -10.77 -8.29 -21.76
N ILE A 295 -10.60 -6.97 -21.83
CA ILE A 295 -11.56 -6.03 -21.25
C ILE A 295 -12.94 -6.11 -21.88
N LEU A 296 -12.97 -6.21 -23.22
CA LEU A 296 -14.21 -6.33 -24.00
C LEU A 296 -14.94 -7.63 -23.69
N LYS A 297 -14.20 -8.73 -23.71
CA LYS A 297 -14.77 -10.05 -23.43
C LYS A 297 -15.43 -10.11 -22.06
N ARG A 298 -14.72 -9.61 -21.04
CA ARG A 298 -15.27 -9.56 -19.67
C ARG A 298 -16.56 -8.74 -19.64
N SER A 299 -16.56 -7.61 -20.33
CA SER A 299 -17.70 -6.70 -20.42
C SER A 299 -18.92 -7.37 -21.05
N LEU A 300 -18.69 -8.14 -22.12
CA LEU A 300 -19.77 -8.90 -22.77
C LEU A 300 -20.33 -9.94 -21.82
N ASN A 301 -19.48 -10.44 -20.93
CA ASN A 301 -19.88 -11.34 -19.84
C ASN A 301 -20.53 -10.67 -18.64
N GLY A 302 -20.60 -9.34 -18.64
CA GLY A 302 -21.26 -8.58 -17.59
C GLY A 302 -20.36 -8.13 -16.45
N ASP A 303 -19.05 -8.32 -16.62
CA ASP A 303 -18.01 -7.92 -15.65
C ASP A 303 -17.25 -6.67 -16.14
N ASN A 304 -17.68 -5.52 -15.64
CA ASN A 304 -17.05 -4.27 -16.00
C ASN A 304 -16.01 -3.85 -14.96
N PHE A 305 -15.08 -4.77 -14.69
CA PHE A 305 -14.05 -4.59 -13.67
C PHE A 305 -12.90 -5.55 -13.87
N GLY A 306 -11.78 -5.27 -13.22
CA GLY A 306 -10.65 -6.17 -13.29
C GLY A 306 -9.38 -5.58 -12.72
N VAL A 307 -8.34 -6.39 -12.74
CA VAL A 307 -7.07 -6.01 -12.17
C VAL A 307 -5.95 -6.46 -13.11
N VAL A 308 -4.99 -5.57 -13.30
CA VAL A 308 -3.87 -5.72 -14.26
C VAL A 308 -2.60 -5.44 -13.51
N ILE A 309 -1.62 -6.33 -13.64
CA ILE A 309 -0.28 -6.09 -13.11
C ILE A 309 0.66 -5.63 -14.25
N VAL A 310 1.33 -4.50 -14.02
CA VAL A 310 2.32 -3.96 -14.97
C VAL A 310 3.77 -3.81 -14.39
N PRO A 311 4.73 -4.57 -14.92
CA PRO A 311 6.09 -4.41 -14.44
C PRO A 311 6.73 -3.08 -14.87
N GLU A 312 7.43 -2.44 -13.94
CA GLU A 312 8.05 -1.13 -14.18
C GLU A 312 9.10 -1.21 -15.29
N GLY A 313 9.68 -2.40 -15.49
CA GLY A 313 10.74 -2.56 -16.48
C GLY A 313 10.29 -2.76 -17.93
N LEU A 314 8.98 -2.80 -18.16
CA LEU A 314 8.46 -3.15 -19.48
C LEU A 314 9.07 -2.32 -20.65
N ILE A 315 9.31 -1.03 -20.44
CA ILE A 315 9.78 -0.16 -21.53
C ILE A 315 11.15 -0.57 -22.11
N GLU A 316 11.97 -1.26 -21.31
CA GLU A 316 13.27 -1.76 -21.75
C GLU A 316 13.20 -3.10 -22.50
N PHE A 317 11.98 -3.60 -22.71
CA PHE A 317 11.78 -4.90 -23.34
C PHE A 317 10.87 -4.84 -24.57
N ILE A 318 10.24 -3.70 -24.81
CA ILE A 318 9.51 -3.46 -26.07
C ILE A 318 10.52 -2.95 -27.10
N PRO A 319 10.82 -3.76 -28.16
CA PRO A 319 11.90 -3.37 -29.09
C PRO A 319 11.91 -1.90 -29.56
N GLU A 320 10.77 -1.36 -29.99
CA GLU A 320 10.69 0.04 -30.46
C GLU A 320 10.96 1.09 -29.40
N VAL A 321 10.57 0.82 -28.15
CA VAL A 321 10.81 1.80 -27.06
C VAL A 321 12.23 1.66 -26.52
N LYS A 322 12.72 0.43 -26.38
CA LYS A 322 14.09 0.20 -25.95
C LYS A 322 15.05 0.92 -26.88
N SER A 323 14.81 0.78 -28.18
CA SER A 323 15.60 1.40 -29.23
C SER A 323 15.59 2.93 -29.14
N LEU A 324 14.41 3.49 -28.90
CA LEU A 324 14.23 4.91 -28.67
C LEU A 324 15.02 5.39 -27.45
N MET A 325 14.88 4.66 -26.34
CA MET A 325 15.60 5.07 -25.13
C MET A 325 17.12 5.05 -25.31
N LEU A 326 17.63 4.04 -26.02
CA LEU A 326 19.06 3.99 -26.32
C LEU A 326 19.53 5.15 -27.21
N GLU A 327 18.72 5.53 -28.20
CA GLU A 327 19.03 6.70 -29.02
C GLU A 327 18.96 8.04 -28.26
N LEU A 328 17.94 8.22 -27.41
CA LEU A 328 17.89 9.42 -26.55
C LEU A 328 19.15 9.50 -25.69
N CYS A 329 19.54 8.36 -25.13
CA CYS A 329 20.72 8.28 -24.29
C CYS A 329 21.96 8.68 -25.09
N ASP A 330 22.14 8.05 -26.26
CA ASP A 330 23.24 8.37 -27.15
C ASP A 330 23.29 9.87 -27.51
N ILE A 331 22.13 10.49 -27.73
CA ILE A 331 22.05 11.91 -28.11
C ILE A 331 22.49 12.82 -26.97
N PHE A 332 22.10 12.48 -25.74
CA PHE A 332 22.46 13.27 -24.56
C PHE A 332 23.94 13.13 -24.25
N ASP A 333 24.42 11.88 -24.25
CA ASP A 333 25.81 11.58 -23.90
C ASP A 333 26.83 12.22 -24.85
N LYS A 334 26.39 12.54 -26.07
CA LYS A 334 27.30 13.06 -27.09
C LYS A 334 27.18 14.57 -27.26
N ASN A 335 26.08 15.16 -26.81
CA ASN A 335 25.85 16.61 -26.92
C ASN A 335 25.47 17.22 -25.57
N GLU A 336 26.19 16.80 -24.52
CA GLU A 336 25.81 17.11 -23.14
C GLU A 336 25.79 18.60 -22.80
N GLY A 337 26.73 19.35 -23.37
CA GLY A 337 26.86 20.79 -23.16
C GLY A 337 25.68 21.63 -23.65
N GLU A 338 25.00 21.17 -24.70
CA GLU A 338 23.79 21.84 -25.21
C GLU A 338 22.63 21.77 -24.21
N PHE A 339 22.57 20.66 -23.47
CA PHE A 339 21.52 20.43 -22.49
C PHE A 339 21.84 21.09 -21.14
N LYS A 340 23.11 21.42 -20.94
CA LYS A 340 23.67 21.95 -19.68
C LYS A 340 22.74 22.81 -18.83
N GLY A 341 22.11 23.82 -19.44
CA GLY A 341 21.29 24.75 -18.65
C GLY A 341 19.77 24.65 -18.78
N LEU A 342 19.31 23.92 -19.79
CA LEU A 342 17.95 24.05 -20.28
C LEU A 342 16.86 23.39 -19.46
N ASN A 343 15.66 23.94 -19.56
CA ASN A 343 14.45 23.32 -19.00
C ASN A 343 14.05 22.12 -19.84
N ILE A 344 12.99 21.42 -19.44
CA ILE A 344 12.57 20.17 -20.10
C ILE A 344 11.94 20.37 -21.48
N GLU A 345 11.26 21.50 -21.68
CA GLU A 345 10.65 21.82 -22.97
C GLU A 345 11.73 22.09 -24.01
N LYS A 346 12.76 22.85 -23.60
CA LYS A 346 13.88 23.18 -24.46
C LYS A 346 14.76 21.96 -24.71
N MET A 347 14.83 21.07 -23.74
CA MET A 347 15.49 19.78 -23.92
C MET A 347 14.77 18.93 -24.97
N LYS A 348 13.44 18.79 -24.82
CA LYS A 348 12.61 18.09 -25.77
C LYS A 348 12.86 18.56 -27.22
N GLU A 349 12.93 19.89 -27.43
CA GLU A 349 13.19 20.45 -28.76
C GLU A 349 14.49 19.96 -29.42
N ILE A 350 15.54 19.85 -28.62
CA ILE A 350 16.82 19.32 -29.12
C ILE A 350 16.71 17.83 -29.46
N PHE A 351 16.19 17.05 -28.50
CA PHE A 351 16.02 15.60 -28.68
C PHE A 351 15.25 15.31 -29.98
N VAL A 352 14.11 15.96 -30.18
CA VAL A 352 13.31 15.86 -31.41
C VAL A 352 14.07 16.22 -32.72
N ALA A 353 14.84 17.32 -32.67
CA ALA A 353 15.64 17.75 -33.83
C ALA A 353 16.73 16.77 -34.21
N LYS A 354 17.22 16.00 -33.23
CA LYS A 354 18.36 15.10 -33.45
C LYS A 354 18.02 13.61 -33.63
N LEU A 355 16.76 13.24 -33.40
CA LEU A 355 16.33 11.86 -33.59
C LEU A 355 16.22 11.52 -35.07
N SER A 356 16.55 10.28 -35.41
CA SER A 356 16.32 9.75 -36.75
C SER A 356 14.81 9.75 -37.04
N ASP A 357 14.43 9.78 -38.31
CA ASP A 357 13.00 9.89 -38.70
C ASP A 357 12.12 8.79 -38.15
N TYR A 358 12.57 7.54 -38.18
CA TYR A 358 11.81 6.42 -37.63
C TYR A 358 11.58 6.63 -36.13
N MET A 359 12.66 6.90 -35.40
CA MET A 359 12.63 7.11 -33.94
C MET A 359 11.83 8.32 -33.49
N LYS A 360 11.85 9.37 -34.30
CA LYS A 360 11.08 10.57 -34.03
C LYS A 360 9.58 10.31 -34.14
N GLY A 361 9.16 9.55 -35.15
CA GLY A 361 7.76 9.11 -35.25
C GLY A 361 7.30 8.27 -34.05
N VAL A 362 8.15 7.34 -33.61
CA VAL A 362 7.88 6.53 -32.40
C VAL A 362 7.69 7.43 -31.14
N TYR A 363 8.64 8.33 -30.90
CA TYR A 363 8.65 9.26 -29.76
C TYR A 363 7.40 10.15 -29.72
N LEU A 364 7.10 10.76 -30.87
CA LEU A 364 5.98 11.66 -31.02
C LEU A 364 4.63 10.96 -31.00
N SER A 365 4.62 9.64 -31.14
CA SER A 365 3.36 8.89 -31.02
C SER A 365 2.97 8.67 -29.55
N LEU A 366 3.91 8.88 -28.64
CA LEU A 366 3.61 8.73 -27.21
C LEU A 366 2.86 9.96 -26.69
N PRO A 367 2.06 9.80 -25.62
CA PRO A 367 1.47 10.96 -24.97
C PRO A 367 2.55 11.92 -24.47
N LEU A 368 2.24 13.20 -24.46
CA LEU A 368 3.22 14.21 -24.05
C LEU A 368 3.82 13.92 -22.66
N PHE A 369 3.00 13.50 -21.70
CA PHE A 369 3.57 13.25 -20.36
C PHE A 369 4.64 12.15 -20.38
N ILE A 370 4.48 11.17 -21.26
CA ILE A 370 5.43 10.08 -21.41
C ILE A 370 6.69 10.61 -22.11
N GLN A 371 6.50 11.45 -23.12
CA GLN A 371 7.64 12.11 -23.79
C GLN A 371 8.64 12.77 -22.82
N PHE A 372 8.15 13.54 -21.85
CA PHE A 372 9.02 14.16 -20.85
C PHE A 372 9.61 13.15 -19.84
N GLU A 373 8.81 12.22 -19.34
CA GLU A 373 9.30 11.17 -18.40
C GLU A 373 10.41 10.31 -18.98
N LEU A 374 10.37 10.04 -20.30
CA LEU A 374 11.48 9.32 -20.97
C LEU A 374 12.81 10.05 -20.88
N ILE A 375 12.78 11.36 -21.15
CA ILE A 375 13.94 12.23 -20.95
C ILE A 375 14.49 12.15 -19.51
N LYS A 376 13.62 12.34 -18.52
CA LYS A 376 14.00 12.23 -17.11
C LYS A 376 14.55 10.84 -16.76
N SER A 377 13.98 9.81 -17.38
CA SER A 377 14.47 8.43 -17.19
C SER A 377 15.98 8.36 -17.52
N ILE A 378 16.34 8.98 -18.64
CA ILE A 378 17.71 9.09 -19.14
C ILE A 378 18.60 9.98 -18.27
N LEU A 379 18.07 11.15 -17.89
CA LEU A 379 18.83 12.12 -17.08
C LEU A 379 19.10 11.64 -15.66
N GLU A 380 18.19 10.81 -15.13
CA GLU A 380 18.31 10.30 -13.76
C GLU A 380 18.84 8.87 -13.67
N ARG A 381 19.78 8.54 -14.57
CA ARG A 381 20.51 7.29 -14.51
C ARG A 381 21.35 7.25 -13.25
N ASP A 382 21.36 6.10 -12.59
CA ASP A 382 22.13 5.94 -11.36
C ASP A 382 23.62 5.81 -11.68
N PRO A 383 24.51 5.84 -10.66
CA PRO A 383 25.96 5.72 -10.88
C PRO A 383 26.43 4.49 -11.68
N HIS A 384 25.62 3.44 -11.70
CA HIS A 384 25.94 2.24 -12.52
C HIS A 384 25.33 2.25 -13.93
N GLY A 385 24.58 3.31 -14.26
CA GLY A 385 24.03 3.49 -15.61
C GLY A 385 22.63 2.99 -15.86
N ASN A 386 21.95 2.50 -14.82
CA ASN A 386 20.55 2.07 -14.94
C ASN A 386 19.60 3.26 -15.18
N PHE A 387 18.67 3.15 -16.13
CA PHE A 387 17.57 4.12 -16.31
C PHE A 387 16.69 4.21 -15.07
N ASN A 388 16.06 5.36 -14.89
CA ASN A 388 15.10 5.49 -13.79
C ASN A 388 13.72 5.04 -14.27
N VAL A 389 13.43 3.75 -14.11
CA VAL A 389 12.14 3.20 -14.55
C VAL A 389 11.03 3.41 -13.50
N SER A 390 11.43 3.47 -12.23
CA SER A 390 10.46 3.71 -11.15
C SER A 390 9.67 5.00 -11.32
N ARG A 391 10.30 6.04 -11.86
CA ARG A 391 9.60 7.31 -12.09
C ARG A 391 8.67 7.31 -13.31
N VAL A 392 8.88 6.39 -14.26
CA VAL A 392 8.08 6.35 -15.48
C VAL A 392 6.71 5.70 -15.20
N PRO A 393 5.61 6.48 -15.36
CA PRO A 393 4.27 5.94 -15.05
C PRO A 393 3.71 5.06 -16.15
N THR A 394 4.35 3.91 -16.34
CA THR A 394 3.98 2.97 -17.39
C THR A 394 2.51 2.58 -17.32
N GLU A 395 1.99 2.41 -16.10
CA GLU A 395 0.60 2.06 -15.90
C GLU A 395 -0.39 3.15 -16.44
N LYS A 396 -0.04 4.43 -16.29
CA LYS A 396 -0.84 5.54 -16.81
C LYS A 396 -0.82 5.61 -18.36
N LEU A 397 0.30 5.25 -18.96
CA LEU A 397 0.41 5.08 -20.45
C LEU A 397 -0.55 4.00 -20.95
N PHE A 398 -0.50 2.82 -20.33
CA PHE A 398 -1.50 1.76 -20.57
C PHE A 398 -2.93 2.32 -20.52
N ILE A 399 -3.29 2.96 -19.40
CA ILE A 399 -4.65 3.47 -19.21
C ILE A 399 -5.08 4.44 -20.33
N GLU A 400 -4.21 5.40 -20.66
CA GLU A 400 -4.58 6.35 -21.71
C GLU A 400 -4.80 5.67 -23.07
N MET A 401 -3.89 4.79 -23.47
CA MET A 401 -3.98 4.09 -24.75
C MET A 401 -5.17 3.13 -24.82
N ILE A 402 -5.46 2.43 -23.71
CA ILE A 402 -6.64 1.53 -23.63
C ILE A 402 -7.94 2.32 -23.67
N GLN A 403 -7.96 3.44 -22.92
CA GLN A 403 -9.08 4.36 -22.97
C GLN A 403 -9.42 4.78 -24.41
N SER A 404 -8.40 5.05 -25.24
CA SER A 404 -8.63 5.47 -26.63
C SER A 404 -9.22 4.36 -27.50
N ARG A 405 -8.68 3.15 -27.37
CA ARG A 405 -9.13 1.99 -28.15
C ARG A 405 -10.54 1.57 -27.80
N LEU A 406 -10.88 1.65 -26.51
CA LEU A 406 -12.25 1.36 -26.08
C LEU A 406 -13.25 2.38 -26.60
N ASN A 407 -12.88 3.67 -26.60
CA ASN A 407 -13.69 4.70 -27.26
C ASN A 407 -13.86 4.43 -28.77
N ASP A 408 -12.81 3.91 -29.43
CA ASP A 408 -12.94 3.50 -30.85
C ASP A 408 -13.98 2.43 -31.09
N MET A 409 -14.07 1.47 -30.17
CA MET A 409 -15.07 0.40 -30.27
C MET A 409 -16.43 0.98 -29.93
N LYS A 410 -16.47 1.82 -28.91
CA LYS A 410 -17.72 2.46 -28.54
C LYS A 410 -18.32 3.27 -29.71
N LYS A 411 -17.44 3.85 -30.53
CA LYS A 411 -17.89 4.66 -31.67
C LYS A 411 -18.64 3.84 -32.72
N ARG A 412 -18.43 2.52 -32.73
CA ARG A 412 -19.17 1.62 -33.61
C ARG A 412 -20.24 0.79 -32.89
N GLY A 413 -20.54 1.11 -31.63
CA GLY A 413 -21.49 0.34 -30.81
C GLY A 413 -20.97 -1.04 -30.39
N GLU A 414 -19.66 -1.18 -30.34
CA GLU A 414 -19.02 -2.46 -30.06
C GLU A 414 -18.52 -2.58 -28.61
N TYR A 415 -18.72 -1.55 -27.81
CA TYR A 415 -18.36 -1.59 -26.39
C TYR A 415 -19.33 -0.72 -25.62
N LYS A 416 -20.22 -1.37 -24.87
CA LYS A 416 -21.29 -0.67 -24.16
C LYS A 416 -21.04 -0.41 -22.67
N GLY A 417 -19.87 -0.82 -22.16
CA GLY A 417 -19.53 -0.64 -20.77
C GLY A 417 -18.90 0.71 -20.53
N SER A 418 -18.79 1.10 -19.28
CA SER A 418 -18.05 2.30 -18.94
C SER A 418 -16.76 1.87 -18.29
N PHE A 419 -15.66 2.39 -18.81
CA PHE A 419 -14.33 2.08 -18.33
C PHE A 419 -13.96 3.09 -17.23
N THR A 420 -13.66 2.59 -16.03
CA THR A 420 -13.26 3.47 -14.92
C THR A 420 -11.94 2.97 -14.35
N PRO A 421 -10.84 3.46 -14.92
CA PRO A 421 -9.51 3.00 -14.53
C PRO A 421 -8.99 3.64 -13.26
N VAL A 422 -8.19 2.87 -12.50
CA VAL A 422 -7.51 3.38 -11.30
C VAL A 422 -6.06 2.94 -11.36
N ASP A 423 -5.14 3.90 -11.21
CA ASP A 423 -3.71 3.62 -11.25
C ASP A 423 -3.16 3.38 -9.84
N HIS A 424 -2.15 2.52 -9.73
CA HIS A 424 -1.40 2.30 -8.50
C HIS A 424 0.06 2.00 -8.83
N PHE A 425 0.91 2.21 -7.85
CA PHE A 425 2.31 1.83 -7.95
C PHE A 425 2.80 1.38 -6.58
N PHE A 426 2.87 0.06 -6.38
CA PHE A 426 3.42 -0.50 -5.15
C PHE A 426 4.92 -0.77 -5.30
N GLY A 427 5.72 -0.15 -4.45
CA GLY A 427 7.16 -0.20 -4.59
C GLY A 427 7.89 0.18 -3.32
N TYR A 428 8.07 1.49 -3.09
CA TYR A 428 8.77 2.02 -1.90
C TYR A 428 8.18 1.51 -0.58
N GLU A 429 6.86 1.26 -0.55
CA GLU A 429 6.22 0.74 0.68
C GLU A 429 6.50 -0.72 1.05
N GLY A 430 7.27 -1.41 0.20
CA GLY A 430 7.54 -2.83 0.42
C GLY A 430 9.00 -3.10 0.74
N ARG A 431 9.86 -2.09 0.54
CA ARG A 431 11.32 -2.28 0.66
C ARG A 431 11.87 -2.28 2.07
N SER A 432 11.21 -1.54 2.96
CA SER A 432 11.65 -1.37 4.33
C SER A 432 10.60 -1.91 5.30
N ALA A 433 9.79 -2.84 4.80
CA ALA A 433 8.84 -3.55 5.62
C ALA A 433 9.58 -4.52 6.57
N PHE A 434 8.90 -4.95 7.65
CA PHE A 434 9.42 -6.04 8.52
C PHE A 434 9.62 -7.34 7.72
N PRO A 435 10.82 -7.95 7.81
CA PRO A 435 11.02 -9.20 7.08
C PRO A 435 10.22 -10.39 7.63
N SER A 436 9.72 -11.22 6.71
CA SER A 436 9.07 -12.50 7.04
C SER A 436 10.04 -13.38 7.84
N ASN A 437 9.55 -14.46 8.43
CA ASN A 437 10.44 -15.43 9.10
C ASN A 437 11.46 -15.95 8.10
N PHE A 438 11.01 -16.21 6.86
CA PHE A 438 11.95 -16.67 5.80
C PHE A 438 13.16 -15.72 5.62
N ASP A 439 12.89 -14.47 5.28
CA ASP A 439 13.95 -13.44 5.19
C ASP A 439 14.68 -13.19 6.52
N SER A 440 13.97 -13.20 7.65
CA SER A 440 14.63 -13.08 8.96
C SER A 440 15.63 -14.23 9.20
N ASP A 441 15.18 -15.46 8.92
CA ASP A 441 16.03 -16.66 9.04
C ASP A 441 17.16 -16.69 8.03
N TYR A 442 16.81 -16.51 6.75
CA TYR A 442 17.80 -16.45 5.66
C TYR A 442 18.88 -15.35 5.84
N CYS A 443 18.49 -14.13 6.22
CA CYS A 443 19.45 -13.03 6.42
C CYS A 443 20.40 -13.24 7.59
N TYR A 444 19.87 -13.67 8.73
CA TYR A 444 20.71 -13.99 9.89
C TYR A 444 21.74 -15.05 9.52
N SER A 445 21.30 -16.13 8.85
CA SER A 445 22.20 -17.21 8.39
C SER A 445 23.26 -16.71 7.42
N LEU A 446 22.88 -15.86 6.47
CA LEU A 446 23.83 -15.27 5.52
C LEU A 446 24.94 -14.41 6.19
N GLY A 447 24.58 -13.64 7.21
CA GLY A 447 25.57 -12.81 7.93
C GLY A 447 26.47 -13.68 8.81
N TYR A 448 25.86 -14.65 9.48
CA TYR A 448 26.60 -15.53 10.37
C TYR A 448 27.57 -16.36 9.51
N ASN A 449 27.09 -16.82 8.36
CA ASN A 449 27.89 -17.58 7.41
C ASN A 449 29.08 -16.82 6.83
N ALA A 450 28.92 -15.52 6.58
CA ALA A 450 30.01 -14.68 6.04
C ALA A 450 31.20 -14.62 6.98
N VAL A 451 30.94 -14.63 8.28
CA VAL A 451 31.97 -14.70 9.31
C VAL A 451 32.74 -16.03 9.25
N VAL A 452 32.02 -17.15 9.16
CA VAL A 452 32.62 -18.48 9.02
C VAL A 452 33.55 -18.52 7.80
N LEU A 453 33.09 -17.97 6.68
CA LEU A 453 33.92 -17.86 5.47
C LEU A 453 35.17 -17.01 5.73
N ILE A 454 35.00 -15.94 6.49
CA ILE A 454 36.13 -15.08 6.83
C ILE A 454 37.12 -15.84 7.71
N LEU A 455 36.61 -16.52 8.74
CA LEU A 455 37.41 -17.33 9.65
C LEU A 455 38.19 -18.42 8.92
N ASN A 456 37.67 -18.85 7.78
CA ASN A 456 38.32 -19.87 6.95
C ASN A 456 39.06 -19.24 5.77
N GLY A 457 39.50 -18.00 5.95
CA GLY A 457 40.45 -17.34 5.05
C GLY A 457 40.05 -17.01 3.63
N LEU A 458 38.74 -17.04 3.36
CA LEU A 458 38.24 -16.83 2.00
C LEU A 458 38.06 -15.35 1.62
N THR A 459 38.22 -15.04 0.34
CA THR A 459 37.90 -13.73 -0.21
C THR A 459 37.32 -13.87 -1.63
N GLY A 460 36.51 -12.90 -2.03
CA GLY A 460 35.88 -12.87 -3.35
C GLY A 460 34.68 -13.79 -3.49
N TYR A 461 34.10 -14.17 -2.34
CA TYR A 461 32.98 -15.11 -2.30
C TYR A 461 31.64 -14.45 -1.93
N MET A 462 30.56 -15.01 -2.47
CA MET A 462 29.20 -14.70 -2.04
C MET A 462 28.76 -15.69 -0.96
N SER A 463 28.29 -15.17 0.17
CA SER A 463 27.64 -15.96 1.20
C SER A 463 26.41 -16.62 0.57
N CYS A 464 26.25 -17.92 0.83
CA CYS A 464 25.28 -18.75 0.12
C CYS A 464 24.68 -19.81 1.05
N ILE A 465 23.34 -19.78 1.19
CA ILE A 465 22.58 -20.77 1.93
C ILE A 465 21.65 -21.49 0.95
N LYS A 466 21.80 -22.82 0.88
CA LYS A 466 21.11 -23.68 -0.08
C LYS A 466 20.01 -24.53 0.56
N ASN A 467 19.12 -25.07 -0.27
CA ASN A 467 17.95 -25.89 0.17
C ASN A 467 16.88 -25.05 0.92
N LEU A 468 16.56 -23.90 0.33
CA LEU A 468 15.79 -22.84 0.99
C LEU A 468 14.31 -23.16 1.18
N ASN A 469 13.85 -24.18 0.46
CA ASN A 469 12.48 -24.68 0.63
C ASN A 469 12.30 -25.58 1.86
N LEU A 470 13.41 -25.99 2.47
CA LEU A 470 13.40 -26.92 3.62
C LEU A 470 13.36 -26.16 4.94
N LYS A 471 13.16 -26.86 6.05
CA LYS A 471 13.29 -26.25 7.37
C LYS A 471 14.70 -25.67 7.49
N PRO A 472 14.82 -24.46 8.10
CA PRO A 472 16.13 -23.86 8.32
C PRO A 472 17.24 -24.78 8.84
N THR A 473 16.92 -25.69 9.79
CA THR A 473 17.96 -26.62 10.31
C THR A 473 18.60 -27.44 9.19
N ASP A 474 17.80 -27.76 8.18
CA ASP A 474 18.21 -28.58 7.03
C ASP A 474 18.83 -27.77 5.89
N TRP A 475 19.04 -26.47 6.10
CA TRP A 475 19.72 -25.62 5.10
C TRP A 475 21.20 -25.95 5.06
N ILE A 476 21.79 -25.81 3.89
CA ILE A 476 23.21 -26.05 3.67
C ILE A 476 23.96 -24.71 3.49
N ALA A 477 25.00 -24.52 4.29
CA ALA A 477 25.79 -23.27 4.30
C ALA A 477 27.06 -23.37 3.45
N GLY A 478 27.53 -22.25 2.92
CA GLY A 478 28.70 -22.27 2.04
C GLY A 478 29.03 -20.97 1.34
N GLY A 479 29.58 -21.09 0.14
CA GLY A 479 30.10 -19.95 -0.61
C GLY A 479 30.28 -20.17 -2.10
N VAL A 480 29.89 -19.17 -2.87
CA VAL A 480 29.99 -19.12 -4.33
C VAL A 480 30.99 -18.01 -4.74
N PRO A 481 32.03 -18.34 -5.55
CA PRO A 481 32.90 -17.27 -6.11
C PRO A 481 32.14 -16.24 -6.95
N LEU A 482 32.38 -14.95 -6.69
CA LEU A 482 31.66 -13.85 -7.35
C LEU A 482 31.80 -13.76 -8.89
N THR A 483 32.92 -14.23 -9.42
CA THR A 483 33.23 -14.12 -10.86
C THR A 483 32.28 -14.92 -11.79
N MET A 484 31.74 -16.04 -11.28
CA MET A 484 30.87 -16.93 -12.04
C MET A 484 29.57 -16.26 -12.51
N LEU A 485 29.21 -15.18 -11.82
CA LEU A 485 28.00 -14.41 -12.14
C LEU A 485 28.21 -13.30 -13.19
N MET A 486 29.39 -13.22 -13.78
CA MET A 486 29.74 -11.99 -14.52
C MET A 486 29.81 -12.05 -16.06
N ASN A 487 29.66 -10.87 -16.68
CA ASN A 487 29.78 -10.68 -18.12
C ASN A 487 30.09 -9.22 -18.48
N MET A 488 30.26 -8.93 -19.77
CA MET A 488 30.61 -7.58 -20.25
C MET A 488 29.42 -6.85 -20.88
N GLU A 489 29.19 -5.61 -20.44
CA GLU A 489 28.04 -4.82 -20.90
C GLU A 489 28.40 -3.33 -21.07
N GLU A 490 27.60 -2.65 -21.89
CA GLU A 490 27.80 -1.24 -22.17
C GLU A 490 26.96 -0.33 -21.25
N ARG A 491 27.67 0.46 -20.45
CA ARG A 491 27.04 1.44 -19.56
C ARG A 491 27.76 2.78 -19.76
N TYR A 492 27.00 3.87 -19.77
CA TYR A 492 27.48 5.22 -20.14
C TYR A 492 28.38 5.20 -21.40
N GLY A 493 27.88 4.60 -22.48
CA GLY A 493 28.57 4.54 -23.77
C GLY A 493 29.87 3.74 -23.83
N GLU A 494 30.16 2.95 -22.78
CA GLU A 494 31.42 2.22 -22.66
C GLU A 494 31.24 0.78 -22.14
N LYS A 495 32.08 -0.14 -22.62
CA LYS A 495 32.01 -1.55 -22.21
C LYS A 495 32.75 -1.85 -20.89
N LYS A 496 32.05 -2.52 -19.97
CA LYS A 496 32.51 -2.75 -18.57
C LYS A 496 32.11 -4.14 -18.03
N PRO A 497 32.91 -4.73 -17.11
CA PRO A 497 32.53 -5.97 -16.41
C PRO A 497 31.51 -5.79 -15.27
N VAL A 498 30.37 -6.46 -15.40
CA VAL A 498 29.26 -6.38 -14.43
C VAL A 498 28.73 -7.77 -14.04
N ILE A 499 28.04 -7.86 -12.90
CA ILE A 499 27.20 -9.04 -12.63
C ILE A 499 26.05 -8.97 -13.64
N LYS A 500 25.79 -10.09 -14.33
CA LYS A 500 24.69 -10.14 -15.27
C LYS A 500 23.36 -10.28 -14.52
N LYS A 501 22.38 -9.47 -14.88
CA LYS A 501 21.04 -9.57 -14.29
C LYS A 501 20.36 -10.87 -14.71
N ALA A 502 19.85 -11.60 -13.72
CA ALA A 502 19.08 -12.82 -13.99
C ALA A 502 17.63 -12.43 -14.21
N LEU A 503 17.12 -12.78 -15.38
CA LEU A 503 15.75 -12.43 -15.75
C LEU A 503 14.83 -13.66 -15.64
N VAL A 504 13.53 -13.47 -15.88
CA VAL A 504 12.56 -14.57 -15.86
C VAL A 504 12.90 -15.58 -16.98
N ASP A 505 13.00 -16.85 -16.60
CA ASP A 505 13.23 -17.96 -17.52
C ASP A 505 11.91 -18.42 -18.13
N LEU A 506 11.75 -18.18 -19.42
CA LEU A 506 10.51 -18.55 -20.12
C LEU A 506 10.34 -20.08 -20.26
N GLU A 507 11.38 -20.83 -19.96
CA GLU A 507 11.30 -22.31 -19.90
C GLU A 507 11.22 -22.80 -18.45
N GLY A 508 11.13 -21.87 -17.49
CA GLY A 508 11.12 -22.20 -16.09
C GLY A 508 9.76 -22.61 -15.59
N ARG A 509 9.73 -23.31 -14.46
CA ARG A 509 8.48 -23.73 -13.85
C ARG A 509 7.56 -22.58 -13.40
N PRO A 510 8.10 -21.48 -12.82
CA PRO A 510 7.21 -20.32 -12.53
C PRO A 510 6.43 -19.74 -13.73
N PHE A 511 7.11 -19.39 -14.82
CA PHE A 511 6.45 -18.90 -16.03
C PHE A 511 5.46 -19.88 -16.68
N LYS A 512 5.84 -21.16 -16.71
CA LYS A 512 5.00 -22.22 -17.27
C LYS A 512 3.71 -22.45 -16.49
N GLU A 513 3.78 -22.40 -15.16
CA GLU A 513 2.59 -22.39 -14.32
C GLU A 513 1.66 -21.20 -14.63
N PHE A 514 2.24 -20.02 -14.84
CA PHE A 514 1.46 -18.83 -15.20
C PHE A 514 0.76 -18.97 -16.56
N VAL A 515 1.50 -19.40 -17.59
CA VAL A 515 0.93 -19.63 -18.93
C VAL A 515 -0.20 -20.64 -18.94
N LYS A 516 -0.05 -21.71 -18.16
CA LYS A 516 -1.07 -22.75 -18.05
C LYS A 516 -2.43 -22.19 -17.62
N ASN A 517 -2.39 -21.25 -16.69
CA ASN A 517 -3.64 -20.75 -16.08
C ASN A 517 -4.06 -19.34 -16.49
N ARG A 518 -3.15 -18.55 -17.03
CA ARG A 518 -3.43 -17.13 -17.34
C ARG A 518 -4.72 -16.81 -18.11
N ASP A 519 -5.08 -17.63 -19.11
CA ASP A 519 -6.30 -17.39 -19.91
C ASP A 519 -7.55 -17.60 -19.06
N LYS A 520 -7.52 -18.64 -18.23
CA LYS A 520 -8.54 -18.89 -17.20
C LYS A 520 -8.74 -17.64 -16.30
N TRP A 521 -7.64 -17.09 -15.79
CA TRP A 521 -7.68 -15.95 -14.86
C TRP A 521 -8.20 -14.68 -15.54
N ALA A 522 -7.97 -14.56 -16.86
CA ALA A 522 -8.43 -13.39 -17.64
C ALA A 522 -9.93 -13.28 -17.72
N LEU A 523 -10.61 -14.38 -18.07
CA LEU A 523 -12.03 -14.31 -18.34
C LEU A 523 -12.92 -14.58 -17.11
N ASN A 524 -12.39 -15.33 -16.15
CA ASN A 524 -13.17 -15.63 -14.94
C ASN A 524 -12.66 -14.79 -13.78
N ASN A 525 -13.35 -14.84 -12.64
CA ASN A 525 -12.87 -14.14 -11.46
C ASN A 525 -12.39 -15.20 -10.48
N LEU A 526 -11.10 -15.46 -10.51
CA LEU A 526 -10.50 -16.56 -9.76
C LEU A 526 -9.44 -16.04 -8.81
N TYR A 527 -9.66 -14.83 -8.31
CA TYR A 527 -8.75 -14.14 -7.44
C TYR A 527 -8.45 -14.94 -6.18
N LEU A 528 -7.22 -14.80 -5.69
CA LEU A 528 -6.84 -15.30 -4.38
C LEU A 528 -6.51 -14.10 -3.53
N TYR A 529 -6.79 -14.24 -2.23
CA TYR A 529 -6.68 -13.15 -1.28
C TYR A 529 -5.65 -13.51 -0.21
N PRO A 530 -4.36 -13.28 -0.48
CA PRO A 530 -3.40 -13.48 0.59
C PRO A 530 -3.63 -12.42 1.67
N GLY A 531 -3.29 -12.72 2.91
CA GLY A 531 -3.48 -11.74 3.97
C GLY A 531 -2.21 -10.99 4.29
N PRO A 532 -2.19 -10.28 5.42
CA PRO A 532 -0.94 -9.65 5.87
C PRO A 532 0.04 -10.74 6.32
N VAL A 533 1.33 -10.47 6.19
CA VAL A 533 2.38 -11.37 6.68
C VAL A 533 2.18 -11.57 8.18
N GLN A 534 2.14 -12.86 8.57
CA GLN A 534 2.00 -13.27 9.98
C GLN A 534 3.35 -13.64 10.55
N TYR A 535 3.59 -13.20 11.79
CA TYR A 535 4.93 -13.28 12.40
C TYR A 535 4.90 -14.11 13.69
N PHE A 536 3.69 -14.36 14.19
CA PHE A 536 3.46 -15.19 15.37
C PHE A 536 2.44 -16.27 15.01
N GLY A 537 2.53 -17.44 15.60
CA GLY A 537 1.49 -18.44 15.32
C GLY A 537 1.96 -19.76 14.78
N SER A 538 1.06 -20.42 14.05
CA SER A 538 1.28 -21.78 13.54
C SER A 538 2.43 -21.90 12.54
N SER A 539 3.36 -22.82 12.80
CA SER A 539 4.51 -23.04 11.90
C SER A 539 4.13 -22.88 10.40
N GLU A 540 2.94 -23.31 10.01
CA GLU A 540 2.57 -23.30 8.59
C GLU A 540 2.39 -21.91 7.95
N ILE A 541 1.59 -21.04 8.58
CA ILE A 541 1.32 -19.74 7.99
C ILE A 541 2.54 -18.83 8.14
N VAL A 542 3.23 -18.97 9.27
CA VAL A 542 4.38 -18.13 9.56
C VAL A 542 5.65 -18.46 8.74
N ASP A 543 5.79 -19.71 8.33
CA ASP A 543 6.95 -20.12 7.54
C ASP A 543 6.63 -20.35 6.07
N GLU A 544 5.60 -19.69 5.55
CA GLU A 544 5.30 -19.70 4.12
C GLU A 544 6.43 -19.11 3.29
N ILE A 545 6.59 -19.66 2.08
CA ILE A 545 7.57 -19.14 1.15
C ILE A 545 6.90 -18.74 -0.17
N THR A 546 7.69 -18.19 -1.10
CA THR A 546 7.15 -17.77 -2.40
C THR A 546 6.76 -18.95 -3.29
N GLU A 547 5.78 -18.72 -4.16
CA GLU A 547 5.42 -19.63 -5.25
C GLU A 547 6.61 -19.88 -6.14
N THR A 548 7.38 -18.82 -6.40
CA THR A 548 8.57 -18.89 -7.25
C THR A 548 9.59 -19.91 -6.69
N LEU A 549 9.93 -19.78 -5.40
CA LEU A 549 10.92 -20.69 -4.80
C LEU A 549 10.45 -22.17 -4.74
N LYS A 550 9.19 -22.39 -4.34
CA LYS A 550 8.59 -23.73 -4.41
C LYS A 550 8.66 -24.37 -5.79
N LEU A 551 8.26 -23.63 -6.82
CA LEU A 551 8.23 -24.15 -8.17
C LEU A 551 9.64 -24.40 -8.69
N GLU A 552 10.55 -23.49 -8.34
CA GLU A 552 11.91 -23.58 -8.82
C GLU A 552 12.68 -24.77 -8.23
N LEU A 553 12.43 -25.07 -6.95
CA LEU A 553 13.09 -26.22 -6.31
C LEU A 553 12.32 -27.56 -6.47
N PHE A 554 11.31 -27.56 -7.34
CA PHE A 554 10.45 -28.73 -7.62
C PHE A 554 10.84 -29.38 -8.95
N THR B 3 -9.07 -19.75 -0.49
CA THR B 3 -8.16 -19.30 -1.59
C THR B 3 -6.68 -19.59 -1.21
N SER B 4 -6.09 -18.62 -0.51
CA SER B 4 -4.77 -18.74 0.09
C SER B 4 -4.85 -19.55 1.41
N LEU B 5 -3.69 -19.92 1.97
CA LEU B 5 -3.68 -20.61 3.27
C LEU B 5 -4.20 -19.65 4.34
N PHE B 6 -3.83 -18.38 4.24
CA PHE B 6 -4.31 -17.36 5.19
C PHE B 6 -5.84 -17.36 5.34
N LYS B 7 -6.52 -17.35 4.20
CA LYS B 7 -7.98 -17.32 4.12
C LYS B 7 -8.67 -18.52 4.79
N GLN B 8 -8.16 -19.74 4.55
CA GLN B 8 -8.73 -20.97 5.14
C GLN B 8 -8.62 -21.00 6.69
N GLU B 9 -7.43 -20.67 7.18
CA GLU B 9 -7.15 -20.57 8.60
C GLU B 9 -7.99 -19.46 9.28
N ARG B 10 -8.03 -18.26 8.66
CA ARG B 10 -8.81 -17.12 9.17
C ARG B 10 -10.29 -17.46 9.24
N GLN B 11 -10.77 -18.25 8.29
CA GLN B 11 -12.15 -18.69 8.24
C GLN B 11 -12.63 -19.37 9.54
N LYS B 12 -11.69 -20.00 10.25
CA LYS B 12 -11.96 -20.84 11.44
C LYS B 12 -12.05 -20.05 12.75
N TYR B 13 -11.63 -18.79 12.71
CA TYR B 13 -11.72 -17.86 13.83
C TYR B 13 -13.14 -17.70 14.36
N ILE B 14 -13.27 -17.74 15.67
CA ILE B 14 -14.55 -17.54 16.35
C ILE B 14 -14.56 -16.12 16.92
N PRO B 15 -15.33 -15.21 16.30
CA PRO B 15 -15.52 -13.87 16.87
C PRO B 15 -16.07 -13.86 18.30
N LYS B 16 -15.55 -12.93 19.10
CA LYS B 16 -15.87 -12.78 20.53
C LYS B 16 -17.07 -11.85 20.79
N LEU B 17 -18.08 -12.43 21.44
CA LEU B 17 -19.34 -11.77 21.77
C LEU B 17 -19.29 -11.07 23.14
N PRO B 18 -20.18 -10.08 23.33
CA PRO B 18 -20.51 -9.60 24.67
C PRO B 18 -21.07 -10.75 25.49
N ASN B 19 -20.63 -10.90 26.75
CA ASN B 19 -21.12 -11.98 27.60
C ASN B 19 -22.62 -12.19 27.51
N ILE B 20 -23.37 -11.09 27.50
CA ILE B 20 -24.84 -11.15 27.48
C ILE B 20 -25.44 -11.79 26.22
N LEU B 21 -24.83 -11.51 25.06
CA LEU B 21 -25.26 -12.11 23.78
C LEU B 21 -24.97 -13.61 23.72
N LYS B 22 -24.19 -14.11 24.68
CA LYS B 22 -23.93 -15.56 24.80
C LYS B 22 -25.06 -16.31 25.51
N LYS B 23 -25.89 -15.58 26.25
CA LYS B 23 -27.00 -16.16 27.01
C LYS B 23 -28.12 -16.56 26.07
N ASP B 24 -28.97 -17.48 26.53
CA ASP B 24 -30.17 -17.89 25.78
C ASP B 24 -31.08 -16.68 25.51
N PHE B 25 -31.84 -16.73 24.42
CA PHE B 25 -32.72 -15.61 24.07
C PHE B 25 -33.85 -15.40 25.07
N ASN B 26 -34.25 -16.47 25.75
CA ASN B 26 -35.24 -16.40 26.83
C ASN B 26 -34.66 -15.77 28.11
N ASN B 27 -33.33 -15.78 28.19
CA ASN B 27 -32.58 -15.25 29.34
C ASN B 27 -31.92 -13.88 29.09
N ILE B 28 -32.50 -13.08 28.18
CA ILE B 28 -32.01 -11.73 27.89
C ILE B 28 -33.15 -10.72 28.00
N SER B 29 -33.09 -9.86 29.02
CA SER B 29 -34.16 -8.88 29.26
C SER B 29 -33.81 -7.49 28.77
N LEU B 30 -34.81 -6.82 28.20
CA LEU B 30 -34.71 -5.41 27.83
C LEU B 30 -34.67 -4.57 29.08
N VAL B 31 -33.84 -3.54 29.06
CA VAL B 31 -33.87 -2.47 30.06
C VAL B 31 -34.11 -1.19 29.29
N TYR B 32 -35.27 -0.58 29.52
CA TYR B 32 -35.65 0.65 28.81
C TYR B 32 -34.90 1.84 29.37
N GLY B 33 -34.74 2.86 28.52
CA GLY B 33 -34.07 4.08 28.92
C GLY B 33 -35.07 5.20 29.03
N GLU B 34 -34.57 6.43 28.84
CA GLU B 34 -35.35 7.66 28.96
C GLU B 34 -36.38 7.81 27.85
N ASN B 35 -36.60 9.04 27.39
CA ASN B 35 -37.32 9.30 26.16
C ASN B 35 -36.56 10.29 25.27
N THR B 36 -35.76 9.73 24.37
CA THR B 36 -34.87 10.50 23.48
C THR B 36 -35.52 11.66 22.74
N GLU B 37 -34.69 12.63 22.34
CA GLU B 37 -35.09 13.79 21.56
C GLU B 37 -34.06 14.04 20.46
N ALA B 38 -34.51 14.58 19.34
CA ALA B 38 -33.62 14.92 18.21
C ALA B 38 -32.55 15.95 18.59
N ILE B 39 -31.54 16.09 17.72
CA ILE B 39 -30.49 17.09 17.92
C ILE B 39 -31.10 18.50 17.86
N GLN B 40 -31.71 18.81 16.72
CA GLN B 40 -32.40 20.07 16.50
C GLN B 40 -33.63 19.80 15.64
N ASP B 41 -34.47 20.83 15.45
CA ASP B 41 -35.81 20.69 14.85
C ASP B 41 -36.66 19.63 15.56
N ARG B 42 -36.47 19.50 16.88
CA ARG B 42 -37.20 18.53 17.71
C ARG B 42 -38.70 18.56 17.40
N GLN B 43 -39.14 19.70 16.90
CA GLN B 43 -40.54 19.95 16.57
C GLN B 43 -40.99 19.27 15.27
N ALA B 44 -40.32 19.58 14.17
CA ALA B 44 -40.69 19.06 12.85
C ALA B 44 -40.45 17.54 12.69
N LEU B 45 -39.57 16.99 13.53
CA LEU B 45 -39.26 15.55 13.50
C LEU B 45 -40.34 14.72 14.19
N LYS B 46 -41.22 15.39 14.92
CA LYS B 46 -42.43 14.76 15.43
C LYS B 46 -43.49 14.63 14.33
N GLU B 47 -43.45 15.54 13.36
CA GLU B 47 -44.35 15.52 12.21
C GLU B 47 -44.03 14.37 11.27
N PHE B 48 -42.78 14.37 10.77
CA PHE B 48 -42.28 13.41 9.79
C PHE B 48 -42.27 11.98 10.36
N PHE B 49 -41.84 11.86 11.61
CA PHE B 49 -41.69 10.57 12.27
C PHE B 49 -42.69 10.41 13.41
N LYS B 50 -43.98 10.46 13.08
CA LYS B 50 -45.07 10.43 14.07
C LYS B 50 -45.06 9.15 14.91
N ASN B 51 -45.05 8.00 14.23
CA ASN B 51 -45.08 6.70 14.89
C ASN B 51 -43.78 6.31 15.57
N THR B 52 -42.65 6.86 15.09
CA THR B 52 -41.34 6.61 15.70
C THR B 52 -40.67 7.93 16.11
N TYR B 53 -40.50 8.12 17.41
CA TYR B 53 -39.85 9.31 17.94
C TYR B 53 -39.86 9.25 19.44
N GLY B 54 -38.74 9.60 20.04
CA GLY B 54 -38.60 9.61 21.48
C GLY B 54 -38.60 8.21 22.03
N LEU B 55 -38.26 7.24 21.19
CA LEU B 55 -38.12 5.85 21.63
C LEU B 55 -37.01 5.86 22.65
N PRO B 56 -37.11 5.01 23.68
CA PRO B 56 -36.03 4.99 24.65
C PRO B 56 -34.77 4.33 24.07
N ILE B 57 -33.63 4.61 24.69
CA ILE B 57 -32.43 3.87 24.41
C ILE B 57 -32.63 2.52 25.09
N ILE B 58 -32.22 1.46 24.41
CA ILE B 58 -32.34 0.09 24.88
C ILE B 58 -30.97 -0.41 25.35
N SER B 59 -30.97 -1.15 26.46
CA SER B 59 -29.80 -1.92 26.89
C SER B 59 -30.26 -3.32 27.24
N PHE B 60 -29.32 -4.26 27.39
CA PHE B 60 -29.66 -5.66 27.70
C PHE B 60 -29.01 -6.15 28.99
N THR B 61 -29.78 -6.85 29.81
CA THR B 61 -29.23 -7.49 31.01
C THR B 61 -29.75 -8.93 31.20
N GLU B 62 -29.08 -9.70 32.06
CA GLU B 62 -29.45 -11.10 32.29
C GLU B 62 -30.82 -11.24 32.96
N GLY B 63 -31.41 -12.43 32.84
CA GLY B 63 -32.73 -12.73 33.43
C GLY B 63 -33.82 -13.11 32.43
N GLU B 64 -34.88 -13.72 32.96
CA GLU B 64 -36.03 -14.20 32.19
C GLU B 64 -36.79 -13.13 31.39
N SER B 65 -37.16 -13.46 30.15
CA SER B 65 -38.02 -12.61 29.32
C SER B 65 -38.88 -13.40 28.32
N SER B 66 -40.02 -12.83 27.94
CA SER B 66 -40.92 -13.38 26.91
C SER B 66 -40.62 -12.73 25.56
N LEU B 67 -40.63 -13.53 24.49
CA LEU B 67 -40.26 -13.02 23.16
C LEU B 67 -41.45 -12.77 22.23
N SER B 68 -41.20 -11.97 21.19
CA SER B 68 -42.22 -11.58 20.20
C SER B 68 -42.37 -12.57 19.03
N PHE B 69 -41.52 -13.60 19.00
CA PHE B 69 -41.64 -14.67 18.02
C PHE B 69 -41.49 -16.06 18.68
N SER B 70 -42.11 -17.06 18.06
CA SER B 70 -41.85 -18.47 18.38
C SER B 70 -41.64 -19.25 17.10
N LYS B 71 -42.37 -18.87 16.05
CA LYS B 71 -42.17 -19.37 14.68
C LYS B 71 -40.82 -18.94 14.12
N ALA B 72 -40.43 -19.56 13.00
CA ALA B 72 -39.21 -19.19 12.28
C ALA B 72 -39.27 -17.76 11.74
N LEU B 73 -38.14 -17.07 11.81
CA LEU B 73 -37.98 -15.73 11.23
C LEU B 73 -37.50 -15.77 9.79
N ASN B 74 -37.97 -14.83 8.97
CA ASN B 74 -37.33 -14.53 7.68
C ASN B 74 -36.82 -13.09 7.67
N ILE B 75 -35.54 -12.93 7.36
CA ILE B 75 -34.87 -11.63 7.37
C ILE B 75 -34.23 -11.34 6.03
N GLY B 76 -34.39 -10.08 5.59
CA GLY B 76 -33.70 -9.56 4.42
C GLY B 76 -32.55 -8.70 4.88
N ILE B 77 -31.45 -8.74 4.11
CA ILE B 77 -30.27 -7.98 4.49
C ILE B 77 -29.72 -7.23 3.27
N ILE B 78 -29.39 -5.95 3.47
CA ILE B 78 -28.90 -5.08 2.41
C ILE B 78 -27.55 -4.49 2.82
N LEU B 79 -26.61 -4.44 1.87
CA LEU B 79 -25.35 -3.72 2.06
C LEU B 79 -25.40 -2.53 1.14
N SER B 80 -25.20 -1.33 1.69
CA SER B 80 -25.20 -0.13 0.85
C SER B 80 -23.90 0.68 1.01
N GLY B 81 -23.47 1.31 -0.08
CA GLY B 81 -22.26 2.14 -0.07
C GLY B 81 -20.97 1.37 -0.35
N GLY B 82 -19.84 2.01 -0.08
CA GLY B 82 -18.53 1.39 -0.24
C GLY B 82 -18.27 0.34 0.82
N PRO B 83 -17.46 -0.68 0.48
CA PRO B 83 -17.05 -1.74 1.41
C PRO B 83 -16.34 -1.25 2.66
N ALA B 84 -16.46 -2.04 3.71
CA ALA B 84 -15.74 -1.84 4.94
C ALA B 84 -15.39 -3.20 5.50
N PRO B 85 -14.15 -3.37 5.97
CA PRO B 85 -13.78 -4.69 6.52
C PRO B 85 -14.67 -5.12 7.71
N GLY B 86 -15.29 -6.29 7.58
CA GLY B 86 -16.16 -6.86 8.61
C GLY B 86 -17.63 -6.93 8.26
N GLY B 87 -18.03 -6.29 7.16
CA GLY B 87 -19.43 -6.40 6.67
C GLY B 87 -19.89 -7.86 6.62
N HIS B 88 -19.03 -8.74 6.11
CA HIS B 88 -19.40 -10.15 6.02
C HIS B 88 -19.69 -10.79 7.39
N ASN B 89 -19.03 -10.31 8.45
CA ASN B 89 -19.28 -10.73 9.84
C ASN B 89 -20.59 -10.22 10.45
N VAL B 90 -21.04 -9.02 10.05
CA VAL B 90 -22.40 -8.58 10.43
C VAL B 90 -23.37 -9.64 9.96
N ILE B 91 -23.13 -10.10 8.72
CA ILE B 91 -24.00 -11.09 8.10
C ILE B 91 -23.89 -12.47 8.74
N SER B 92 -22.68 -12.89 9.11
CA SER B 92 -22.51 -14.20 9.78
C SER B 92 -23.16 -14.21 11.17
N GLY B 93 -23.10 -13.06 11.85
CA GLY B 93 -23.71 -12.85 13.16
C GLY B 93 -25.22 -12.92 13.13
N VAL B 94 -25.81 -12.27 12.12
CA VAL B 94 -27.27 -12.36 11.91
C VAL B 94 -27.68 -13.82 11.64
N PHE B 95 -26.95 -14.49 10.75
CA PHE B 95 -27.25 -15.88 10.40
C PHE B 95 -27.20 -16.80 11.64
N ASP B 96 -26.11 -16.73 12.38
CA ASP B 96 -25.91 -17.56 13.58
C ASP B 96 -26.95 -17.32 14.67
N ALA B 97 -27.42 -16.07 14.77
CA ALA B 97 -28.45 -15.68 15.74
C ALA B 97 -29.86 -16.17 15.41
N ILE B 98 -30.29 -16.01 14.15
CA ILE B 98 -31.58 -16.55 13.75
C ILE B 98 -31.62 -18.09 13.76
N LYS B 99 -30.52 -18.73 13.40
CA LYS B 99 -30.49 -20.19 13.42
C LYS B 99 -30.50 -20.76 14.86
N LYS B 100 -29.87 -20.07 15.81
CA LYS B 100 -29.96 -20.46 17.22
C LYS B 100 -31.41 -20.37 17.72
N PHE B 101 -32.08 -19.28 17.37
CA PHE B 101 -33.46 -19.04 17.75
C PHE B 101 -34.43 -20.10 17.21
N ASN B 102 -34.25 -20.47 15.95
CA ASN B 102 -35.05 -21.50 15.29
C ASN B 102 -34.30 -21.98 14.05
N PRO B 103 -34.02 -23.29 13.96
CA PRO B 103 -33.24 -23.78 12.83
C PRO B 103 -33.93 -23.66 11.48
N ASN B 104 -35.21 -23.27 11.45
CA ASN B 104 -35.96 -23.12 10.21
C ASN B 104 -35.95 -21.70 9.66
N SER B 105 -35.35 -20.79 10.41
CA SER B 105 -35.24 -19.39 10.02
C SER B 105 -34.43 -19.21 8.73
N LYS B 106 -34.75 -18.18 7.95
CA LYS B 106 -34.03 -17.93 6.68
C LYS B 106 -33.47 -16.51 6.54
N LEU B 107 -32.31 -16.40 5.90
CA LEU B 107 -31.68 -15.11 5.66
C LEU B 107 -31.57 -14.85 4.16
N PHE B 108 -32.16 -13.75 3.70
CA PHE B 108 -32.10 -13.38 2.28
C PHE B 108 -31.23 -12.13 2.05
N GLY B 109 -30.27 -12.27 1.14
CA GLY B 109 -29.34 -11.18 0.84
C GLY B 109 -29.72 -10.51 -0.45
N PHE B 110 -30.23 -9.28 -0.36
CA PHE B 110 -30.51 -8.48 -1.57
C PHE B 110 -29.22 -7.98 -2.20
N LYS B 111 -29.15 -8.09 -3.53
CA LYS B 111 -27.93 -7.87 -4.29
C LYS B 111 -27.69 -6.42 -4.72
N GLY B 112 -26.44 -5.96 -4.59
CA GLY B 112 -26.00 -4.67 -5.15
C GLY B 112 -26.66 -3.43 -4.57
N GLY B 113 -27.03 -3.51 -3.29
CA GLY B 113 -27.61 -2.39 -2.56
C GLY B 113 -29.12 -2.47 -2.43
N PRO B 114 -29.75 -1.36 -1.98
CA PRO B 114 -31.21 -1.20 -1.89
C PRO B 114 -31.95 -1.45 -3.20
N LEU B 115 -31.25 -1.33 -4.33
CA LEU B 115 -31.83 -1.62 -5.65
C LEU B 115 -32.29 -3.08 -5.76
N GLY B 116 -31.46 -4.00 -5.23
CA GLY B 116 -31.83 -5.42 -5.11
C GLY B 116 -33.18 -5.66 -4.45
N LEU B 117 -33.51 -4.84 -3.44
CA LEU B 117 -34.83 -4.95 -2.79
C LEU B 117 -35.95 -4.48 -3.72
N LEU B 118 -35.74 -3.34 -4.38
CA LEU B 118 -36.72 -2.80 -5.33
C LEU B 118 -36.97 -3.75 -6.49
N GLU B 119 -35.91 -4.45 -6.91
CA GLU B 119 -35.96 -5.37 -8.07
C GLU B 119 -36.16 -6.84 -7.71
N ASN B 120 -36.27 -7.15 -6.42
CA ASN B 120 -36.38 -8.53 -5.90
C ASN B 120 -35.23 -9.41 -6.40
N ASP B 121 -34.02 -8.84 -6.37
CA ASP B 121 -32.78 -9.47 -6.83
C ASP B 121 -32.00 -9.94 -5.58
N LYS B 122 -32.13 -11.22 -5.25
CA LYS B 122 -31.63 -11.74 -3.98
C LYS B 122 -31.15 -13.19 -4.04
N ILE B 123 -30.37 -13.59 -3.03
CA ILE B 123 -30.05 -15.01 -2.81
C ILE B 123 -30.25 -15.41 -1.35
N GLU B 124 -30.65 -16.66 -1.12
CA GLU B 124 -30.66 -17.21 0.24
C GLU B 124 -29.25 -17.53 0.70
N LEU B 125 -28.88 -16.99 1.85
CA LEU B 125 -27.60 -17.27 2.43
C LEU B 125 -27.76 -18.53 3.29
N THR B 126 -27.15 -19.61 2.84
CA THR B 126 -27.22 -20.91 3.49
C THR B 126 -25.97 -21.09 4.31
N GLU B 127 -25.91 -22.17 5.10
CA GLU B 127 -24.77 -22.42 6.00
C GLU B 127 -23.42 -22.50 5.30
N SER B 128 -23.36 -23.29 4.23
CA SER B 128 -22.12 -23.53 3.48
C SER B 128 -21.64 -22.25 2.75
N LEU B 129 -22.60 -21.51 2.19
CA LEU B 129 -22.34 -20.20 1.61
C LEU B 129 -21.77 -19.26 2.68
N ILE B 130 -22.52 -19.04 3.76
CA ILE B 130 -22.04 -18.21 4.87
C ILE B 130 -20.64 -18.59 5.37
N ASN B 131 -20.40 -19.90 5.54
CA ASN B 131 -19.10 -20.41 5.97
C ASN B 131 -17.92 -19.92 5.15
N SER B 132 -18.09 -19.85 3.85
CA SER B 132 -16.97 -19.42 2.98
C SER B 132 -16.61 -17.93 3.18
N TYR B 133 -17.55 -17.16 3.75
CA TYR B 133 -17.36 -15.69 3.92
C TYR B 133 -16.94 -15.25 5.35
N ARG B 134 -16.92 -16.22 6.29
CA ARG B 134 -16.60 -15.94 7.68
C ARG B 134 -15.21 -15.35 7.82
N ASN B 135 -15.18 -14.20 8.48
CA ASN B 135 -14.00 -13.37 8.74
C ASN B 135 -13.26 -12.80 7.52
N THR B 136 -13.94 -12.81 6.37
CA THR B 136 -13.36 -12.25 5.13
C THR B 136 -13.61 -10.75 4.97
N GLY B 137 -12.73 -10.10 4.19
CA GLY B 137 -12.95 -8.73 3.72
C GLY B 137 -13.95 -8.73 2.59
N GLY B 138 -14.30 -7.55 2.06
CA GLY B 138 -15.26 -7.43 0.97
C GLY B 138 -16.71 -7.22 1.37
N PHE B 139 -17.51 -6.81 0.37
CA PHE B 139 -18.97 -6.80 0.46
C PHE B 139 -19.52 -7.77 -0.60
N ASP B 140 -18.61 -8.54 -1.22
CA ASP B 140 -18.91 -9.40 -2.36
C ASP B 140 -19.83 -10.60 -2.11
N ILE B 141 -20.24 -10.89 -0.86
CA ILE B 141 -21.32 -11.86 -0.60
C ILE B 141 -22.61 -11.53 -1.37
N VAL B 142 -22.93 -10.24 -1.47
CA VAL B 142 -24.10 -9.78 -2.26
C VAL B 142 -23.86 -8.52 -3.08
N SER B 143 -22.66 -7.94 -2.97
CA SER B 143 -22.30 -6.67 -3.64
C SER B 143 -23.09 -5.48 -3.04
N SER B 144 -22.55 -4.28 -3.17
CA SER B 144 -23.25 -3.10 -2.66
C SER B 144 -23.60 -2.12 -3.79
N GLY B 145 -24.48 -1.17 -3.47
CA GLY B 145 -24.82 -0.04 -4.33
C GLY B 145 -25.22 1.11 -3.43
N ARG B 146 -25.94 2.09 -3.96
CA ARG B 146 -26.37 3.24 -3.13
C ARG B 146 -27.67 3.92 -3.56
N THR B 147 -28.48 3.20 -4.36
CA THR B 147 -29.82 3.65 -4.73
C THR B 147 -30.59 4.09 -3.49
N LYS B 148 -31.26 5.24 -3.59
CA LYS B 148 -32.17 5.67 -2.54
C LYS B 148 -33.61 5.26 -2.86
N ILE B 149 -34.36 4.93 -1.81
CA ILE B 149 -35.80 4.70 -1.90
C ILE B 149 -36.49 6.01 -1.55
N GLU B 150 -37.04 6.68 -2.56
CA GLU B 150 -37.58 8.03 -2.41
C GLU B 150 -39.08 8.13 -2.75
N THR B 151 -39.43 7.82 -4.00
CA THR B 151 -40.80 7.96 -4.51
C THR B 151 -41.80 7.06 -3.78
N GLU B 152 -43.08 7.39 -3.93
CA GLU B 152 -44.18 6.57 -3.41
C GLU B 152 -44.26 5.24 -4.16
N GLU B 153 -43.96 5.29 -5.46
CA GLU B 153 -43.89 4.10 -6.31
C GLU B 153 -42.76 3.15 -5.83
N HIS B 154 -41.65 3.74 -5.39
CA HIS B 154 -40.52 2.99 -4.82
C HIS B 154 -40.87 2.33 -3.48
N TYR B 155 -41.32 3.15 -2.52
CA TYR B 155 -41.68 2.65 -1.19
C TYR B 155 -42.70 1.53 -1.22
N ASN B 156 -43.63 1.57 -2.17
CA ASN B 156 -44.65 0.52 -2.33
C ASN B 156 -44.09 -0.78 -2.90
N LYS B 157 -43.09 -0.67 -3.78
CA LYS B 157 -42.36 -1.84 -4.29
C LYS B 157 -41.51 -2.49 -3.22
N ALA B 158 -40.82 -1.68 -2.41
CA ALA B 158 -40.06 -2.18 -1.28
C ALA B 158 -40.94 -3.06 -0.39
N LEU B 159 -42.12 -2.56 -0.07
CA LEU B 159 -43.11 -3.30 0.72
C LEU B 159 -43.64 -4.52 -0.02
N PHE B 160 -43.89 -4.37 -1.32
CA PHE B 160 -44.37 -5.46 -2.15
C PHE B 160 -43.39 -6.64 -2.07
N VAL B 161 -42.14 -6.37 -2.45
CA VAL B 161 -41.05 -7.35 -2.44
C VAL B 161 -40.80 -7.95 -1.04
N ALA B 162 -40.89 -7.11 0.00
CA ALA B 162 -40.79 -7.56 1.39
C ALA B 162 -41.86 -8.60 1.74
N LYS B 163 -43.08 -8.34 1.28
CA LYS B 163 -44.24 -9.19 1.60
C LYS B 163 -44.22 -10.53 0.83
N GLU B 164 -43.91 -10.47 -0.46
CA GLU B 164 -43.88 -11.66 -1.29
C GLU B 164 -42.71 -12.59 -0.93
N ASN B 165 -41.74 -12.05 -0.19
CA ASN B 165 -40.63 -12.82 0.37
C ASN B 165 -40.86 -13.21 1.84
N ASN B 166 -42.06 -12.93 2.35
CA ASN B 166 -42.45 -13.25 3.74
C ASN B 166 -41.51 -12.73 4.83
N LEU B 167 -40.95 -11.53 4.63
CA LEU B 167 -39.96 -10.99 5.56
C LEU B 167 -40.58 -10.49 6.87
N ASN B 168 -39.91 -10.81 7.98
CA ASN B 168 -40.29 -10.28 9.28
C ASN B 168 -39.53 -8.96 9.57
N ALA B 169 -38.35 -8.82 8.95
CA ALA B 169 -37.51 -7.65 9.16
C ALA B 169 -36.48 -7.46 8.05
N ILE B 170 -35.99 -6.22 7.94
CA ILE B 170 -34.91 -5.88 7.03
C ILE B 170 -33.77 -5.24 7.84
N ILE B 171 -32.53 -5.67 7.56
CA ILE B 171 -31.35 -5.05 8.18
C ILE B 171 -30.54 -4.34 7.10
N ILE B 172 -30.24 -3.06 7.33
CA ILE B 172 -29.51 -2.27 6.34
C ILE B 172 -28.19 -1.88 6.94
N ILE B 173 -27.12 -2.23 6.24
CA ILE B 173 -25.77 -1.98 6.69
C ILE B 173 -25.18 -0.85 5.84
N GLY B 174 -24.95 0.30 6.47
CA GLY B 174 -24.50 1.45 5.70
C GLY B 174 -24.10 2.64 6.55
N GLY B 175 -23.82 3.75 5.86
CA GLY B 175 -23.36 4.97 6.50
C GLY B 175 -24.51 5.88 6.92
N ASP B 176 -24.24 7.18 6.94
CA ASP B 176 -25.22 8.19 7.37
C ASP B 176 -26.50 8.20 6.57
N ASP B 177 -26.36 8.20 5.25
CA ASP B 177 -27.52 8.32 4.37
C ASP B 177 -28.42 7.07 4.35
N SER B 178 -27.85 5.87 4.48
CA SER B 178 -28.73 4.68 4.49
C SER B 178 -29.32 4.42 5.87
N ASN B 179 -28.64 4.89 6.91
CA ASN B 179 -29.24 4.82 8.24
C ASN B 179 -30.41 5.80 8.38
N THR B 180 -30.33 6.96 7.70
CA THR B 180 -31.48 7.87 7.54
C THR B 180 -32.64 7.19 6.76
N ASN B 181 -32.34 6.66 5.58
CA ASN B 181 -33.31 5.89 4.80
C ASN B 181 -33.98 4.76 5.58
N ALA B 182 -33.19 4.08 6.42
CA ALA B 182 -33.67 3.00 7.26
C ALA B 182 -34.76 3.48 8.23
N ALA B 183 -34.55 4.69 8.74
CA ALA B 183 -35.49 5.35 9.65
C ALA B 183 -36.83 5.61 8.98
N ILE B 184 -36.79 6.14 7.76
CA ILE B 184 -37.99 6.48 6.98
C ILE B 184 -38.73 5.24 6.44
N LEU B 185 -38.00 4.15 6.22
CA LEU B 185 -38.65 2.92 5.80
C LEU B 185 -39.38 2.30 6.99
N ALA B 186 -38.73 2.34 8.15
CA ALA B 186 -39.34 1.89 9.40
C ALA B 186 -40.62 2.68 9.72
N GLU B 187 -40.56 4.00 9.55
CA GLU B 187 -41.73 4.87 9.71
C GLU B 187 -42.82 4.57 8.66
N TYR B 188 -42.41 4.40 7.40
CA TYR B 188 -43.33 4.03 6.30
C TYR B 188 -44.12 2.74 6.52
N PHE B 189 -43.44 1.67 6.97
CA PHE B 189 -44.10 0.39 7.31
C PHE B 189 -45.09 0.57 8.47
N LYS B 190 -44.68 1.34 9.48
CA LYS B 190 -45.46 1.55 10.70
C LYS B 190 -46.67 2.46 10.45
N LYS B 191 -46.51 3.40 9.52
CA LYS B 191 -47.55 4.34 9.09
C LYS B 191 -48.68 3.62 8.34
N ASN B 192 -48.30 2.66 7.48
CA ASN B 192 -49.26 1.88 6.72
C ASN B 192 -49.66 0.57 7.41
N GLY B 193 -49.46 0.50 8.73
CA GLY B 193 -49.93 -0.60 9.56
C GLY B 193 -49.34 -1.98 9.30
N GLU B 194 -48.17 -2.00 8.67
CA GLU B 194 -47.49 -3.24 8.35
C GLU B 194 -46.61 -3.65 9.53
N ASN B 195 -46.17 -4.91 9.56
CA ASN B 195 -45.42 -5.37 10.70
C ASN B 195 -44.02 -5.90 10.34
N ILE B 196 -43.27 -5.08 9.60
CA ILE B 196 -41.90 -5.41 9.21
C ILE B 196 -40.97 -4.46 9.95
N GLN B 197 -40.02 -5.02 10.68
CA GLN B 197 -39.07 -4.22 11.45
C GLN B 197 -37.85 -3.85 10.62
N VAL B 198 -37.31 -2.65 10.87
CA VAL B 198 -36.09 -2.21 10.21
C VAL B 198 -35.03 -1.87 11.24
N ILE B 199 -33.86 -2.48 11.07
CA ILE B 199 -32.72 -2.23 11.94
C ILE B 199 -31.55 -1.69 11.09
N GLY B 200 -30.86 -0.68 11.64
CA GLY B 200 -29.68 -0.08 11.02
C GLY B 200 -28.40 -0.54 11.70
N VAL B 201 -27.32 -0.58 10.93
CA VAL B 201 -26.01 -0.96 11.41
C VAL B 201 -24.97 0.10 10.95
N PRO B 202 -24.14 0.62 11.88
CA PRO B 202 -23.17 1.72 11.58
C PRO B 202 -21.87 1.34 10.82
N LYS B 203 -21.88 1.50 9.51
CA LYS B 203 -20.73 1.19 8.65
C LYS B 203 -20.06 2.44 8.09
N THR B 204 -18.75 2.59 8.33
CA THR B 204 -17.89 3.45 7.48
C THR B 204 -16.44 3.45 7.91
N ILE B 205 -15.55 3.14 6.96
CA ILE B 205 -14.09 3.20 7.20
C ILE B 205 -13.58 4.62 7.49
N ASP B 206 -14.40 5.63 7.21
CA ASP B 206 -14.02 7.04 7.40
C ASP B 206 -14.38 7.61 8.78
N ALA B 207 -15.08 6.82 9.60
CA ALA B 207 -15.51 7.24 10.95
C ALA B 207 -16.37 8.51 10.97
N ASP B 208 -17.17 8.72 9.95
CA ASP B 208 -17.98 9.95 9.89
C ASP B 208 -19.43 9.71 10.34
N LEU B 209 -19.67 8.51 10.86
CA LEU B 209 -20.90 8.20 11.56
C LEU B 209 -20.52 7.83 12.98
N ARG B 210 -20.80 8.76 13.90
CA ARG B 210 -20.55 8.52 15.32
C ARG B 210 -21.06 9.66 16.23
N ASN B 211 -21.21 9.34 17.51
CA ASN B 211 -21.85 10.23 18.48
C ASN B 211 -21.56 9.81 19.91
N ASP B 212 -22.42 10.26 20.84
CA ASP B 212 -22.30 9.93 22.26
C ASP B 212 -22.58 8.44 22.54
N HIS B 213 -23.33 7.82 21.63
CA HIS B 213 -23.77 6.42 21.80
C HIS B 213 -23.00 5.43 20.91
N ILE B 214 -22.72 5.85 19.68
CA ILE B 214 -21.90 5.07 18.74
C ILE B 214 -20.45 5.52 18.89
N GLU B 215 -19.63 4.67 19.51
CA GLU B 215 -18.25 4.99 19.83
C GLU B 215 -17.34 5.04 18.60
N ILE B 216 -17.65 4.19 17.62
CA ILE B 216 -16.94 4.12 16.34
C ILE B 216 -17.80 3.39 15.31
N SER B 217 -17.61 3.73 14.04
CA SER B 217 -18.19 2.95 12.94
C SER B 217 -17.32 1.71 12.63
N PHE B 218 -17.93 0.67 12.05
CA PHE B 218 -17.13 -0.51 11.68
C PHE B 218 -16.28 -0.27 10.42
N GLY B 219 -15.04 -0.77 10.47
CA GLY B 219 -14.15 -0.79 9.29
C GLY B 219 -12.97 0.16 9.40
N PHE B 220 -13.16 1.21 10.21
CA PHE B 220 -12.17 2.25 10.45
C PHE B 220 -10.90 1.68 11.09
N ASP B 221 -11.05 0.78 12.07
CA ASP B 221 -9.94 0.06 12.71
C ASP B 221 -9.05 -0.69 11.69
N SER B 222 -9.70 -1.46 10.83
CA SER B 222 -9.00 -2.30 9.86
C SER B 222 -8.35 -1.46 8.76
N ALA B 223 -9.07 -0.46 8.24
CA ALA B 223 -8.53 0.39 7.17
C ALA B 223 -7.31 1.18 7.63
N THR B 224 -7.40 1.81 8.81
CA THR B 224 -6.28 2.64 9.31
C THR B 224 -5.05 1.83 9.67
N LYS B 225 -5.27 0.59 10.10
CA LYS B 225 -4.14 -0.32 10.36
C LYS B 225 -3.34 -0.60 9.09
N ILE B 226 -4.03 -0.82 7.99
CA ILE B 226 -3.39 -1.07 6.69
C ILE B 226 -2.68 0.19 6.19
N TYR B 227 -3.37 1.33 6.23
CA TYR B 227 -2.74 2.57 5.80
C TYR B 227 -1.52 2.91 6.65
N SER B 228 -1.59 2.65 7.95
CA SER B 228 -0.48 3.01 8.86
C SER B 228 0.74 2.10 8.69
N GLU B 229 0.50 0.84 8.34
CA GLU B 229 1.57 -0.10 8.01
C GLU B 229 2.30 0.42 6.77
N LEU B 230 1.55 0.79 5.74
CA LEU B 230 2.14 1.31 4.49
C LEU B 230 2.86 2.65 4.73
N ILE B 231 2.27 3.56 5.48
CA ILE B 231 2.90 4.84 5.82
C ILE B 231 4.14 4.65 6.69
N GLY B 232 4.06 3.82 7.74
CA GLY B 232 5.27 3.46 8.52
C GLY B 232 6.38 2.88 7.67
N ASN B 233 6.05 1.97 6.75
CA ASN B 233 7.04 1.46 5.79
C ASN B 233 7.71 2.55 4.91
N LEU B 234 6.91 3.51 4.43
CA LEU B 234 7.49 4.66 3.66
C LEU B 234 8.43 5.55 4.50
N CYS B 235 8.07 5.79 5.76
CA CYS B 235 8.95 6.53 6.69
C CYS B 235 10.26 5.79 6.88
N ARG B 236 10.19 4.47 7.00
CA ARG B 236 11.43 3.70 7.19
C ARG B 236 12.29 3.70 5.94
N ASP B 237 11.63 3.63 4.79
CA ASP B 237 12.37 3.70 3.53
C ASP B 237 12.99 5.09 3.34
N ALA B 238 12.23 6.12 3.68
CA ALA B 238 12.73 7.52 3.59
C ALA B 238 13.97 7.70 4.46
N MET B 239 13.89 7.22 5.70
CA MET B 239 15.00 7.23 6.64
C MET B 239 16.24 6.44 6.13
N SER B 240 16.01 5.32 5.45
CA SER B 240 17.10 4.47 4.96
C SER B 240 17.93 5.07 3.83
N THR B 241 17.30 5.79 2.90
CA THR B 241 17.99 6.23 1.69
C THR B 241 18.18 7.75 1.66
N LYS B 242 17.43 8.42 2.56
CA LYS B 242 17.51 9.88 2.81
C LYS B 242 17.52 10.72 1.54
N LYS B 243 16.54 10.52 0.67
CA LYS B 243 16.48 11.35 -0.55
C LYS B 243 15.10 11.73 -1.05
N TYR B 244 14.06 11.08 -0.51
CA TYR B 244 12.70 11.25 -1.01
C TYR B 244 11.75 11.82 0.04
N TRP B 245 10.92 12.75 -0.41
CA TRP B 245 9.78 13.26 0.34
C TRP B 245 8.52 12.56 -0.18
N HIS B 246 7.96 11.63 0.60
CA HIS B 246 6.74 10.91 0.23
C HIS B 246 5.46 11.65 0.68
N PHE B 247 4.57 11.91 -0.27
CA PHE B 247 3.30 12.55 -0.01
C PHE B 247 2.20 11.50 -0.11
N VAL B 248 1.42 11.34 0.95
CA VAL B 248 0.42 10.29 0.98
C VAL B 248 -1.00 10.84 1.12
N LYS B 249 -1.81 10.69 0.08
CA LYS B 249 -3.23 11.08 0.17
C LYS B 249 -4.05 9.86 0.56
N LEU B 250 -4.99 10.06 1.48
CA LEU B 250 -5.85 8.98 1.93
C LEU B 250 -7.28 9.26 1.53
N MET B 251 -7.94 8.22 1.03
CA MET B 251 -9.31 8.28 0.54
C MET B 251 -10.32 8.75 1.59
N GLY B 252 -11.37 9.45 1.13
CA GLY B 252 -12.44 9.95 2.00
C GLY B 252 -12.39 11.48 2.04
N ARG B 253 -13.43 12.12 1.53
CA ARG B 253 -13.43 13.57 1.31
C ARG B 253 -14.17 14.39 2.37
N SER B 254 -14.66 13.72 3.41
CA SER B 254 -15.57 14.35 4.36
C SER B 254 -14.88 14.81 5.65
N ALA B 255 -13.90 14.03 6.13
CA ALA B 255 -13.28 14.31 7.42
C ALA B 255 -11.83 13.87 7.51
N SER B 256 -11.17 14.23 8.62
CA SER B 256 -9.77 13.87 8.84
C SER B 256 -9.56 12.78 9.88
N HIS B 257 -10.59 11.99 10.17
CA HIS B 257 -10.48 10.91 11.16
C HIS B 257 -9.36 9.92 10.78
N VAL B 258 -9.39 9.46 9.54
CA VAL B 258 -8.37 8.54 8.99
C VAL B 258 -6.95 9.15 9.00
N ALA B 259 -6.80 10.37 8.48
CA ALA B 259 -5.51 11.05 8.46
C ALA B 259 -4.92 11.20 9.86
N LEU B 260 -5.75 11.69 10.79
CA LEU B 260 -5.35 11.86 12.21
C LEU B 260 -4.89 10.57 12.88
N GLU B 261 -5.65 9.50 12.72
CA GLU B 261 -5.29 8.21 13.30
C GLU B 261 -3.93 7.71 12.75
N CYS B 262 -3.76 7.72 11.43
CA CYS B 262 -2.46 7.34 10.82
C CYS B 262 -1.30 8.19 11.31
N ALA B 263 -1.54 9.49 11.54
CA ALA B 263 -0.52 10.38 12.11
C ALA B 263 -0.10 9.94 13.51
N LEU B 264 -1.08 9.62 14.35
CA LEU B 264 -0.83 9.13 15.71
C LEU B 264 -0.11 7.76 15.69
N LYS B 265 -0.39 6.95 14.67
CA LYS B 265 0.27 5.63 14.51
C LYS B 265 1.70 5.68 14.01
N THR B 266 2.06 6.72 13.24
CA THR B 266 3.32 6.73 12.50
C THR B 266 4.27 7.89 12.76
N HIS B 267 3.78 8.99 13.34
CA HIS B 267 4.58 10.19 13.58
C HIS B 267 5.23 10.74 12.30
N PRO B 268 4.40 11.08 11.28
CA PRO B 268 4.95 11.66 10.05
C PRO B 268 5.48 13.08 10.30
N ASN B 269 6.26 13.61 9.36
CA ASN B 269 6.76 14.98 9.51
C ASN B 269 5.67 16.05 9.34
N ILE B 270 4.70 15.78 8.49
CA ILE B 270 3.59 16.72 8.28
C ILE B 270 2.30 15.94 8.15
N CYS B 271 1.24 16.45 8.78
CA CYS B 271 -0.12 15.96 8.55
C CYS B 271 -1.11 17.13 8.57
N ILE B 272 -1.88 17.29 7.50
CA ILE B 272 -2.88 18.38 7.45
C ILE B 272 -4.29 17.91 7.84
N VAL B 273 -4.90 18.63 8.78
CA VAL B 273 -6.24 18.34 9.27
C VAL B 273 -7.20 19.38 8.68
N SER B 274 -8.08 18.91 7.80
CA SER B 274 -9.06 19.73 7.08
C SER B 274 -9.89 20.64 8.00
N GLU B 275 -10.41 20.05 9.07
CA GLU B 275 -11.26 20.76 10.03
C GLU B 275 -10.57 21.98 10.64
N GLU B 276 -9.28 21.85 10.93
CA GLU B 276 -8.47 22.94 11.44
C GLU B 276 -8.19 24.01 10.39
N VAL B 277 -7.93 23.56 9.16
CA VAL B 277 -7.72 24.47 8.05
C VAL B 277 -8.97 25.34 7.91
N LEU B 278 -10.15 24.73 7.92
CA LEU B 278 -11.42 25.48 7.86
C LEU B 278 -11.62 26.43 9.04
N ALA B 279 -11.33 25.95 10.25
CA ALA B 279 -11.53 26.72 11.47
C ALA B 279 -10.60 27.93 11.56
N LYS B 280 -9.32 27.74 11.27
CA LYS B 280 -8.34 28.84 11.32
C LYS B 280 -8.31 29.69 10.04
N LYS B 281 -9.22 29.38 9.12
CA LYS B 281 -9.35 30.03 7.81
C LYS B 281 -8.02 30.21 7.06
N LYS B 282 -7.19 29.17 7.05
CA LYS B 282 -5.87 29.28 6.44
C LYS B 282 -5.97 29.51 4.94
N THR B 283 -5.00 30.22 4.38
CA THR B 283 -4.99 30.45 2.94
C THR B 283 -4.19 29.32 2.29
N LEU B 284 -4.33 29.16 0.98
CA LEU B 284 -3.48 28.23 0.23
C LEU B 284 -2.00 28.57 0.44
N SER B 285 -1.62 29.83 0.27
CA SER B 285 -0.21 30.20 0.49
C SER B 285 0.30 29.93 1.92
N GLU B 286 -0.58 30.04 2.91
CA GLU B 286 -0.21 29.75 4.31
C GLU B 286 0.13 28.26 4.46
N ILE B 287 -0.77 27.41 3.98
CA ILE B 287 -0.51 25.96 3.95
C ILE B 287 0.84 25.67 3.28
N ILE B 288 1.07 26.21 2.08
CA ILE B 288 2.34 26.06 1.36
C ILE B 288 3.56 26.60 2.12
N ASP B 289 3.46 27.82 2.67
CA ASP B 289 4.51 28.41 3.53
C ASP B 289 4.93 27.45 4.63
N GLU B 290 3.93 26.90 5.32
CA GLU B 290 4.13 26.02 6.47
C GLU B 290 4.80 24.68 6.11
N MET B 291 4.44 24.11 4.96
CA MET B 291 5.11 22.90 4.47
C MET B 291 6.54 23.19 4.03
N VAL B 292 6.74 24.29 3.29
CA VAL B 292 8.07 24.72 2.81
C VAL B 292 9.04 24.95 3.99
N SER B 293 8.52 25.54 5.05
CA SER B 293 9.35 25.85 6.21
C SER B 293 9.85 24.57 6.92
N VAL B 294 8.98 23.57 7.05
CA VAL B 294 9.40 22.27 7.58
C VAL B 294 10.47 21.59 6.69
N ILE B 295 10.28 21.64 5.37
CA ILE B 295 11.26 21.09 4.42
C ILE B 295 12.61 21.78 4.53
N LEU B 296 12.64 23.12 4.58
CA LEU B 296 13.91 23.89 4.66
C LEU B 296 14.69 23.58 5.93
N LYS B 297 13.98 23.55 7.06
CA LYS B 297 14.56 23.28 8.37
C LYS B 297 15.19 21.90 8.44
N ARG B 298 14.47 20.89 7.91
CA ARG B 298 15.01 19.54 7.84
C ARG B 298 16.21 19.52 6.93
N SER B 299 16.12 20.18 5.78
CA SER B 299 17.28 20.30 4.89
C SER B 299 18.53 20.86 5.60
N LEU B 300 18.34 21.82 6.51
CA LEU B 300 19.45 22.43 7.25
C LEU B 300 20.02 21.51 8.32
N ASN B 301 19.21 20.55 8.78
CA ASN B 301 19.68 19.47 9.63
C ASN B 301 20.37 18.37 8.85
N GLY B 302 20.40 18.52 7.53
CA GLY B 302 21.02 17.54 6.64
C GLY B 302 20.08 16.44 6.20
N ASP B 303 18.79 16.60 6.50
CA ASP B 303 17.75 15.60 6.21
C ASP B 303 16.92 16.00 4.97
N ASN B 304 17.30 15.46 3.81
CA ASN B 304 16.62 15.76 2.55
C ASN B 304 15.54 14.75 2.20
N PHE B 305 14.67 14.50 3.19
CA PHE B 305 13.63 13.49 3.11
C PHE B 305 12.51 13.78 4.12
N GLY B 306 11.34 13.24 3.85
CA GLY B 306 10.27 13.23 4.84
C GLY B 306 9.00 12.60 4.33
N VAL B 307 7.99 12.57 5.20
CA VAL B 307 6.68 11.99 4.87
C VAL B 307 5.52 12.95 5.26
N VAL B 308 4.60 13.13 4.32
CA VAL B 308 3.43 13.99 4.47
C VAL B 308 2.17 13.15 4.31
N ILE B 309 1.17 13.44 5.14
CA ILE B 309 -0.15 12.84 5.05
C ILE B 309 -1.19 13.93 4.82
N VAL B 310 -1.98 13.78 3.76
CA VAL B 310 -3.10 14.68 3.46
C VAL B 310 -4.41 13.88 3.21
N PRO B 311 -5.55 14.37 3.76
CA PRO B 311 -6.83 13.78 3.45
C PRO B 311 -7.28 14.17 2.04
N GLU B 312 -8.05 13.28 1.41
CA GLU B 312 -8.50 13.51 0.03
C GLU B 312 -9.40 14.76 -0.13
N GLY B 313 -10.26 15.02 0.86
CA GLY B 313 -11.18 16.15 0.75
C GLY B 313 -10.67 17.53 1.16
N LEU B 314 -9.34 17.71 1.24
CA LEU B 314 -8.73 18.92 1.79
C LEU B 314 -9.01 20.24 1.06
N ILE B 315 -8.97 20.22 -0.27
CA ILE B 315 -9.18 21.45 -1.06
C ILE B 315 -10.57 22.05 -0.84
N GLU B 316 -11.51 21.21 -0.40
CA GLU B 316 -12.89 21.63 -0.18
C GLU B 316 -13.08 22.28 1.19
N PHE B 317 -12.00 22.34 1.95
CA PHE B 317 -11.97 22.91 3.29
C PHE B 317 -11.15 24.19 3.36
N ILE B 318 -10.70 24.67 2.20
CA ILE B 318 -10.00 25.94 2.10
C ILE B 318 -11.01 27.02 1.71
N PRO B 319 -11.41 27.90 2.68
CA PRO B 319 -12.42 28.95 2.43
C PRO B 319 -12.11 29.80 1.18
N GLU B 320 -10.87 30.27 1.08
CA GLU B 320 -10.36 31.04 -0.07
C GLU B 320 -10.67 30.47 -1.47
N VAL B 321 -10.62 29.14 -1.59
CA VAL B 321 -10.84 28.45 -2.86
C VAL B 321 -12.32 28.51 -3.28
N LYS B 322 -13.22 28.29 -2.31
CA LYS B 322 -14.67 28.39 -2.56
C LYS B 322 -15.07 29.79 -3.01
N SER B 323 -14.48 30.81 -2.37
CA SER B 323 -14.71 32.22 -2.69
C SER B 323 -14.25 32.54 -4.10
N LEU B 324 -13.07 32.04 -4.46
CA LEU B 324 -12.55 32.16 -5.82
C LEU B 324 -13.48 31.48 -6.81
N MET B 325 -14.01 30.31 -6.43
CA MET B 325 -14.93 29.54 -7.27
C MET B 325 -16.26 30.27 -7.45
N LEU B 326 -16.88 30.69 -6.33
CA LEU B 326 -18.14 31.45 -6.36
C LEU B 326 -18.06 32.75 -7.17
N GLU B 327 -16.86 33.33 -7.23
CA GLU B 327 -16.62 34.53 -8.03
C GLU B 327 -16.53 34.24 -9.53
N LEU B 328 -15.70 33.26 -9.89
CA LEU B 328 -15.50 32.86 -11.29
C LEU B 328 -16.79 32.52 -12.04
N CYS B 329 -17.71 31.84 -11.37
CA CYS B 329 -18.98 31.48 -12.00
C CYS B 329 -20.04 32.58 -11.90
N ASP B 330 -19.81 33.55 -11.02
CA ASP B 330 -20.57 34.79 -11.03
C ASP B 330 -20.15 35.63 -12.24
N ILE B 331 -18.85 35.58 -12.56
CA ILE B 331 -18.29 36.18 -13.78
C ILE B 331 -18.71 35.35 -15.02
N PHE B 332 -19.32 34.18 -14.79
CA PHE B 332 -19.84 33.37 -15.89
C PHE B 332 -21.36 33.45 -16.06
N ASP B 333 -22.09 33.42 -14.94
CA ASP B 333 -23.55 33.58 -14.95
C ASP B 333 -23.96 34.94 -15.49
N LYS B 334 -23.16 35.96 -15.17
CA LYS B 334 -23.20 37.25 -15.85
C LYS B 334 -22.15 37.17 -16.96
N ASN B 335 -22.34 37.95 -18.02
CA ASN B 335 -21.48 37.89 -19.22
C ASN B 335 -21.60 36.55 -19.95
N GLU B 336 -22.83 36.02 -20.02
CA GLU B 336 -23.11 34.71 -20.63
C GLU B 336 -22.75 34.63 -22.12
N GLY B 337 -23.21 35.60 -22.91
CA GLY B 337 -22.96 35.64 -24.35
C GLY B 337 -21.52 35.92 -24.73
N GLU B 338 -20.74 36.44 -23.78
CA GLU B 338 -19.33 36.77 -23.98
C GLU B 338 -18.43 35.53 -24.12
N PHE B 339 -18.92 34.39 -23.64
CA PHE B 339 -18.17 33.13 -23.66
C PHE B 339 -18.50 32.23 -24.86
N LYS B 340 -19.42 32.71 -25.73
CA LYS B 340 -19.87 32.00 -26.96
C LYS B 340 -19.68 30.45 -26.95
N GLY B 341 -18.78 29.88 -27.76
CA GLY B 341 -17.99 30.57 -28.77
C GLY B 341 -16.49 30.64 -28.48
N LEU B 342 -16.13 30.47 -27.22
CA LEU B 342 -14.74 30.70 -26.79
C LEU B 342 -13.83 29.46 -26.82
N ASN B 343 -12.59 29.66 -26.35
CA ASN B 343 -11.48 28.78 -26.66
C ASN B 343 -10.81 28.15 -25.43
N ILE B 344 -10.96 28.80 -24.28
CA ILE B 344 -10.11 28.60 -23.09
C ILE B 344 -8.64 28.94 -23.38
N GLU B 345 -7.92 29.44 -22.36
CA GLU B 345 -6.61 30.07 -22.54
C GLU B 345 -6.78 31.49 -23.10
N LYS B 346 -7.73 31.63 -24.03
CA LYS B 346 -8.20 32.93 -24.49
C LYS B 346 -9.25 33.45 -23.51
N MET B 347 -10.15 32.56 -23.08
CA MET B 347 -11.18 32.89 -22.09
C MET B 347 -10.65 32.83 -20.64
N LYS B 348 -9.46 32.26 -20.47
CA LYS B 348 -8.75 32.31 -19.18
C LYS B 348 -8.38 33.76 -18.85
N GLU B 349 -7.84 34.48 -19.84
CA GLU B 349 -7.46 35.88 -19.67
C GLU B 349 -8.66 36.82 -19.52
N ILE B 350 -9.85 36.32 -19.84
CA ILE B 350 -11.11 37.02 -19.54
C ILE B 350 -11.38 36.95 -18.04
N PHE B 351 -11.28 35.76 -17.47
CA PHE B 351 -11.35 35.56 -16.02
C PHE B 351 -10.23 36.35 -15.34
N VAL B 352 -9.00 36.23 -15.86
CA VAL B 352 -7.82 36.92 -15.29
C VAL B 352 -8.01 38.44 -15.22
N ALA B 353 -8.56 39.03 -16.28
CA ALA B 353 -8.83 40.47 -16.32
C ALA B 353 -10.05 40.89 -15.48
N LYS B 354 -11.02 39.99 -15.32
CA LYS B 354 -12.26 40.29 -14.58
C LYS B 354 -12.26 40.01 -13.07
N LEU B 355 -11.40 39.10 -12.62
CA LEU B 355 -11.30 38.75 -11.20
C LEU B 355 -10.84 39.93 -10.33
N SER B 356 -11.25 39.92 -9.07
CA SER B 356 -10.77 40.88 -8.08
C SER B 356 -9.26 40.73 -7.86
N ASP B 357 -8.61 41.83 -7.51
CA ASP B 357 -7.15 41.87 -7.41
C ASP B 357 -6.55 40.66 -6.65
N TYR B 358 -7.07 40.38 -5.46
CA TYR B 358 -6.55 39.31 -4.62
C TYR B 358 -6.84 37.90 -5.15
N MET B 359 -8.05 37.69 -5.66
CA MET B 359 -8.44 36.40 -6.23
C MET B 359 -7.73 36.09 -7.54
N LYS B 360 -7.32 37.15 -8.24
CA LYS B 360 -6.47 37.01 -9.42
C LYS B 360 -5.06 36.54 -9.01
N GLY B 361 -4.62 36.94 -7.82
CA GLY B 361 -3.31 36.53 -7.31
C GLY B 361 -3.31 35.08 -6.87
N VAL B 362 -4.45 34.64 -6.34
CA VAL B 362 -4.67 33.26 -5.91
C VAL B 362 -4.76 32.34 -7.13
N TYR B 363 -5.61 32.72 -8.08
CA TYR B 363 -5.79 31.98 -9.33
C TYR B 363 -4.48 31.75 -10.10
N LEU B 364 -3.71 32.81 -10.29
CA LEU B 364 -2.46 32.74 -11.04
C LEU B 364 -1.33 32.03 -10.26
N SER B 365 -1.47 31.95 -8.93
CA SER B 365 -0.50 31.21 -8.09
C SER B 365 -0.54 29.70 -8.35
N LEU B 366 -1.72 29.21 -8.75
CA LEU B 366 -1.96 27.81 -9.03
C LEU B 366 -1.12 27.31 -10.20
N PRO B 367 -0.86 25.97 -10.25
CA PRO B 367 -0.30 25.38 -11.47
C PRO B 367 -1.24 25.63 -12.66
N LEU B 368 -0.66 25.66 -13.86
CA LEU B 368 -1.40 26.01 -15.07
C LEU B 368 -2.51 25.02 -15.38
N PHE B 369 -2.25 23.73 -15.18
CA PHE B 369 -3.29 22.73 -15.42
C PHE B 369 -4.45 22.84 -14.43
N ILE B 370 -4.16 23.30 -13.23
CA ILE B 370 -5.17 23.58 -12.19
C ILE B 370 -6.07 24.76 -12.57
N GLN B 371 -5.46 25.81 -13.12
CA GLN B 371 -6.21 26.97 -13.60
C GLN B 371 -7.32 26.51 -14.56
N PHE B 372 -6.93 25.67 -15.52
CA PHE B 372 -7.88 25.13 -16.51
C PHE B 372 -8.92 24.17 -15.92
N GLU B 373 -8.54 23.36 -14.95
CA GLU B 373 -9.46 22.43 -14.29
C GLU B 373 -10.58 23.10 -13.48
N LEU B 374 -10.31 24.30 -12.97
CA LEU B 374 -11.33 25.08 -12.26
C LEU B 374 -12.38 25.65 -13.21
N ILE B 375 -11.94 26.07 -14.41
CA ILE B 375 -12.84 26.53 -15.48
C ILE B 375 -13.79 25.41 -15.90
N LYS B 376 -13.23 24.21 -16.06
CA LYS B 376 -14.00 23.01 -16.42
C LYS B 376 -14.98 22.62 -15.31
N SER B 377 -14.61 22.89 -14.06
CA SER B 377 -15.47 22.59 -12.92
C SER B 377 -16.75 23.43 -12.95
N ILE B 378 -16.61 24.69 -13.34
CA ILE B 378 -17.71 25.62 -13.48
C ILE B 378 -18.59 25.28 -14.69
N LEU B 379 -17.93 25.06 -15.83
CA LEU B 379 -18.60 24.76 -17.10
C LEU B 379 -19.45 23.49 -17.08
N GLU B 380 -19.50 22.82 -15.93
CA GLU B 380 -20.19 21.54 -15.81
C GLU B 380 -21.06 21.42 -14.54
N ARG B 381 -21.52 22.56 -14.03
CA ARG B 381 -22.35 22.59 -12.83
C ARG B 381 -23.69 21.88 -13.04
N ASP B 382 -24.20 21.23 -12.00
CA ASP B 382 -25.50 20.53 -12.05
C ASP B 382 -26.65 21.54 -12.20
N PRO B 383 -27.89 21.05 -12.52
CA PRO B 383 -29.01 21.98 -12.76
C PRO B 383 -29.14 23.12 -11.73
N HIS B 384 -28.88 22.82 -10.46
CA HIS B 384 -28.95 23.84 -9.39
C HIS B 384 -27.75 24.81 -9.35
N GLY B 385 -26.89 24.73 -10.36
CA GLY B 385 -25.76 25.65 -10.51
C GLY B 385 -24.57 25.47 -9.57
N ASN B 386 -24.59 24.42 -8.74
CA ASN B 386 -23.47 24.21 -7.81
C ASN B 386 -22.35 23.30 -8.34
N PHE B 387 -21.13 23.64 -7.91
CA PHE B 387 -19.90 23.01 -8.40
C PHE B 387 -19.25 22.10 -7.33
N ASN B 388 -18.23 21.37 -7.76
CA ASN B 388 -17.25 20.74 -6.88
C ASN B 388 -15.86 20.79 -7.51
N VAL B 389 -14.82 20.70 -6.68
CA VAL B 389 -13.43 20.80 -7.15
C VAL B 389 -12.72 19.42 -7.18
N SER B 390 -13.42 18.41 -7.70
CA SER B 390 -12.91 17.04 -7.74
C SER B 390 -11.74 16.87 -8.71
N ARG B 391 -11.65 17.78 -9.68
CA ARG B 391 -10.63 17.76 -10.74
C ARG B 391 -9.24 18.19 -10.25
N VAL B 392 -9.16 18.66 -9.01
CA VAL B 392 -7.87 19.05 -8.44
C VAL B 392 -7.42 18.06 -7.36
N PRO B 393 -6.28 17.38 -7.59
CA PRO B 393 -5.74 16.44 -6.61
C PRO B 393 -4.85 17.14 -5.59
N THR B 394 -5.25 17.05 -4.31
CA THR B 394 -4.64 17.85 -3.23
C THR B 394 -3.12 17.71 -3.13
N GLU B 395 -2.65 16.47 -3.12
CA GLU B 395 -1.25 16.18 -2.92
C GLU B 395 -0.39 16.71 -4.09
N LYS B 396 -0.87 16.53 -5.30
CA LYS B 396 -0.17 17.00 -6.51
C LYS B 396 -0.19 18.54 -6.67
N LEU B 397 -1.30 19.18 -6.31
CA LEU B 397 -1.32 20.63 -6.17
C LEU B 397 -0.23 21.08 -5.22
N PHE B 398 -0.19 20.50 -4.01
CA PHE B 398 0.82 20.91 -3.02
C PHE B 398 2.23 20.66 -3.49
N ILE B 399 2.46 19.53 -4.16
CA ILE B 399 3.81 19.17 -4.60
C ILE B 399 4.38 20.20 -5.56
N GLU B 400 3.62 20.52 -6.61
CA GLU B 400 4.02 21.47 -7.66
C GLU B 400 4.28 22.86 -7.08
N MET B 401 3.36 23.34 -6.25
CA MET B 401 3.54 24.66 -5.63
C MET B 401 4.75 24.71 -4.72
N ILE B 402 5.02 23.62 -4.00
CA ILE B 402 6.21 23.54 -3.15
C ILE B 402 7.48 23.56 -3.99
N GLN B 403 7.54 22.76 -5.05
CA GLN B 403 8.72 22.73 -5.96
C GLN B 403 9.02 24.13 -6.48
N SER B 404 7.96 24.81 -6.93
CA SER B 404 8.02 26.18 -7.42
C SER B 404 8.64 27.15 -6.39
N ARG B 405 8.05 27.23 -5.19
CA ARG B 405 8.62 28.02 -4.07
C ARG B 405 10.10 27.73 -3.85
N LEU B 406 10.45 26.44 -3.78
CA LEU B 406 11.83 26.00 -3.56
C LEU B 406 12.80 26.30 -4.73
N ASN B 407 12.28 26.21 -5.95
CA ASN B 407 13.06 26.55 -7.16
C ASN B 407 13.47 28.03 -7.16
N ASP B 408 12.54 28.91 -6.80
CA ASP B 408 12.79 30.36 -6.64
C ASP B 408 13.83 30.63 -5.55
N MET B 409 13.69 29.95 -4.41
CA MET B 409 14.60 30.13 -3.28
C MET B 409 16.02 29.69 -3.62
N LYS B 410 16.12 28.62 -4.41
CA LYS B 410 17.42 28.12 -4.86
C LYS B 410 18.12 29.15 -5.75
N LYS B 411 17.35 29.76 -6.67
CA LYS B 411 17.88 30.75 -7.63
C LYS B 411 18.44 32.01 -6.95
N ARG B 412 17.79 32.43 -5.87
CA ARG B 412 18.31 33.52 -5.04
C ARG B 412 19.07 32.99 -3.82
N GLY B 413 19.58 31.76 -3.95
CA GLY B 413 20.55 31.18 -3.01
C GLY B 413 20.15 30.94 -1.55
N GLU B 414 18.90 30.60 -1.29
CA GLU B 414 18.46 30.30 0.08
C GLU B 414 17.90 28.88 0.28
N TYR B 415 18.32 27.94 -0.58
CA TYR B 415 17.94 26.54 -0.43
C TYR B 415 18.99 25.67 -1.10
N LYS B 416 19.75 24.97 -0.27
CA LYS B 416 20.89 24.21 -0.74
C LYS B 416 20.53 22.74 -0.93
N GLY B 417 19.41 22.32 -0.34
CA GLY B 417 18.99 20.91 -0.35
C GLY B 417 18.40 20.39 -1.65
N SER B 418 17.90 19.16 -1.63
CA SER B 418 17.26 18.58 -2.80
C SER B 418 15.86 18.09 -2.44
N PHE B 419 14.90 18.45 -3.28
CA PHE B 419 13.50 18.08 -3.03
C PHE B 419 13.08 17.14 -4.16
N THR B 420 12.90 15.87 -3.80
CA THR B 420 12.44 14.85 -4.76
C THR B 420 11.20 14.19 -4.17
N PRO B 421 10.03 14.59 -4.70
CA PRO B 421 8.73 14.14 -4.25
C PRO B 421 8.29 12.81 -4.87
N VAL B 422 7.55 11.99 -4.11
CA VAL B 422 6.90 10.80 -4.66
C VAL B 422 5.49 10.83 -4.11
N ASP B 423 4.48 10.73 -4.96
CA ASP B 423 3.12 10.78 -4.46
C ASP B 423 2.48 9.38 -4.34
N HIS B 424 1.57 9.22 -3.40
CA HIS B 424 0.85 7.98 -3.19
C HIS B 424 -0.60 8.30 -2.88
N PHE B 425 -1.50 7.46 -3.36
CA PHE B 425 -2.90 7.56 -3.02
C PHE B 425 -3.39 6.18 -2.58
N PHE B 426 -3.73 6.03 -1.30
CA PHE B 426 -4.30 4.78 -0.76
C PHE B 426 -5.79 4.90 -0.45
N GLY B 427 -6.53 3.81 -0.68
CA GLY B 427 -7.96 3.81 -0.37
C GLY B 427 -8.63 2.50 -0.71
N TYR B 428 -8.53 2.10 -1.98
CA TYR B 428 -9.17 0.87 -2.49
C TYR B 428 -8.61 -0.41 -1.86
N GLU B 429 -7.32 -0.39 -1.50
CA GLU B 429 -6.62 -1.54 -0.91
C GLU B 429 -6.76 -1.68 0.63
N GLY B 430 -7.63 -0.86 1.22
CA GLY B 430 -7.86 -0.87 2.65
C GLY B 430 -9.29 -1.18 3.02
N ARG B 431 -10.21 -1.01 2.07
CA ARG B 431 -11.64 -1.09 2.40
C ARG B 431 -12.28 -2.45 2.19
N SER B 432 -11.59 -3.31 1.42
CA SER B 432 -12.00 -4.71 1.27
C SER B 432 -10.94 -5.68 1.80
N ALA B 433 -10.02 -5.17 2.63
CA ALA B 433 -9.09 -6.01 3.41
C ALA B 433 -9.77 -6.91 4.47
N PHE B 434 -9.05 -7.96 4.90
CA PHE B 434 -9.51 -8.82 6.01
C PHE B 434 -9.62 -7.93 7.24
N PRO B 435 -10.75 -8.01 7.96
CA PRO B 435 -10.90 -7.21 9.19
C PRO B 435 -9.98 -7.68 10.32
N SER B 436 -9.48 -6.72 11.10
CA SER B 436 -8.79 -7.01 12.35
C SER B 436 -9.67 -7.86 13.30
N ASN B 437 -9.11 -8.33 14.41
CA ASN B 437 -9.93 -8.99 15.44
C ASN B 437 -11.01 -8.08 15.96
N PHE B 438 -10.64 -6.83 16.20
CA PHE B 438 -11.60 -5.81 16.66
C PHE B 438 -12.84 -5.69 15.77
N ASP B 439 -12.64 -5.38 14.48
CA ASP B 439 -13.76 -5.32 13.52
C ASP B 439 -14.45 -6.67 13.36
N SER B 440 -13.71 -7.76 13.43
CA SER B 440 -14.34 -9.09 13.35
C SER B 440 -15.31 -9.33 14.51
N ASP B 441 -14.86 -8.99 15.73
CA ASP B 441 -15.65 -9.14 16.97
C ASP B 441 -16.81 -8.15 17.00
N TYR B 442 -16.48 -6.89 16.72
CA TYR B 442 -17.44 -5.80 16.69
C TYR B 442 -18.57 -6.05 15.68
N CYS B 443 -18.21 -6.43 14.45
CA CYS B 443 -19.22 -6.66 13.40
C CYS B 443 -20.09 -7.85 13.67
N TYR B 444 -19.46 -8.94 14.11
CA TYR B 444 -20.21 -10.14 14.46
C TYR B 444 -21.24 -9.82 15.59
N SER B 445 -20.78 -9.06 16.58
CA SER B 445 -21.60 -8.58 17.70
C SER B 445 -22.80 -7.72 17.27
N LEU B 446 -22.54 -6.69 16.45
CA LEU B 446 -23.60 -5.84 15.87
C LEU B 446 -24.69 -6.60 15.14
N GLY B 447 -24.29 -7.63 14.41
CA GLY B 447 -25.25 -8.39 13.63
C GLY B 447 -26.07 -9.30 14.52
N TYR B 448 -25.38 -9.98 15.44
CA TYR B 448 -26.01 -10.86 16.42
C TYR B 448 -27.02 -10.05 17.24
N ASN B 449 -26.60 -8.84 17.61
CA ASN B 449 -27.38 -7.92 18.44
C ASN B 449 -28.60 -7.40 17.69
N ALA B 450 -28.44 -7.12 16.40
CA ALA B 450 -29.57 -6.76 15.56
C ALA B 450 -30.73 -7.76 15.67
N VAL B 451 -30.44 -9.06 15.63
CA VAL B 451 -31.47 -10.10 15.77
C VAL B 451 -32.20 -10.05 17.15
N VAL B 452 -31.44 -9.93 18.24
CA VAL B 452 -32.03 -9.70 19.57
C VAL B 452 -33.00 -8.49 19.58
N LEU B 453 -32.60 -7.40 18.94
CA LEU B 453 -33.46 -6.22 18.78
C LEU B 453 -34.76 -6.54 18.04
N ILE B 454 -34.64 -7.30 16.95
CA ILE B 454 -35.80 -7.74 16.16
C ILE B 454 -36.71 -8.68 16.95
N LEU B 455 -36.11 -9.58 17.73
CA LEU B 455 -36.85 -10.56 18.52
C LEU B 455 -37.69 -9.92 19.63
N ASN B 456 -37.34 -8.68 19.99
CA ASN B 456 -38.11 -7.91 20.97
C ASN B 456 -39.05 -6.90 20.35
N GLY B 457 -39.31 -7.05 19.07
CA GLY B 457 -40.35 -6.28 18.38
C GLY B 457 -39.94 -4.89 17.92
N LEU B 458 -38.69 -4.54 18.15
CA LEU B 458 -38.18 -3.18 17.89
C LEU B 458 -37.92 -2.88 16.41
N THR B 459 -38.34 -1.68 15.99
CA THR B 459 -38.08 -1.14 14.65
C THR B 459 -37.49 0.26 14.82
N GLY B 460 -36.85 0.76 13.76
CA GLY B 460 -36.30 2.12 13.73
C GLY B 460 -35.09 2.29 14.62
N TYR B 461 -34.47 1.18 15.03
CA TYR B 461 -33.28 1.21 15.89
C TYR B 461 -31.96 0.94 15.15
N MET B 462 -30.88 1.53 15.66
CA MET B 462 -29.53 1.22 15.20
C MET B 462 -28.86 0.26 16.19
N SER B 463 -28.37 -0.88 15.69
CA SER B 463 -27.62 -1.79 16.53
C SER B 463 -26.38 -1.10 17.11
N CYS B 464 -26.14 -1.33 18.41
CA CYS B 464 -25.15 -0.58 19.15
C CYS B 464 -24.40 -1.43 20.17
N ILE B 465 -23.07 -1.37 20.10
CA ILE B 465 -22.20 -2.02 21.08
C ILE B 465 -21.27 -0.97 21.67
N LYS B 466 -21.24 -0.88 23.01
CA LYS B 466 -20.46 0.13 23.74
C LYS B 466 -19.38 -0.52 24.59
N ASN B 467 -18.49 0.33 25.14
CA ASN B 467 -17.30 -0.10 25.91
C ASN B 467 -16.23 -0.80 25.08
N LEU B 468 -16.03 -0.33 23.84
CA LEU B 468 -15.22 -1.02 22.83
C LEU B 468 -13.72 -1.09 23.13
N ASN B 469 -13.27 -0.24 24.05
CA ASN B 469 -11.89 -0.29 24.57
C ASN B 469 -11.60 -1.44 25.54
N LEU B 470 -12.66 -2.10 26.01
CA LEU B 470 -12.51 -3.23 26.94
C LEU B 470 -12.52 -4.54 26.15
N LYS B 471 -12.18 -5.64 26.82
CA LYS B 471 -12.32 -6.97 26.22
C LYS B 471 -13.77 -7.17 25.81
N PRO B 472 -14.01 -7.91 24.69
CA PRO B 472 -15.36 -8.14 24.17
C PRO B 472 -16.36 -8.80 25.12
N THR B 473 -15.89 -9.61 26.06
CA THR B 473 -16.81 -10.24 27.01
C THR B 473 -17.49 -9.16 27.88
N ASP B 474 -16.76 -8.05 28.08
CA ASP B 474 -17.20 -6.90 28.88
C ASP B 474 -17.95 -5.80 28.11
N TRP B 475 -18.12 -5.99 26.80
CA TRP B 475 -18.85 -5.02 25.98
C TRP B 475 -20.33 -5.04 26.35
N ILE B 476 -21.00 -3.92 26.11
CA ILE B 476 -22.42 -3.73 26.41
C ILE B 476 -23.26 -3.59 25.13
N ALA B 477 -24.39 -4.33 25.09
CA ALA B 477 -25.25 -4.39 23.91
C ALA B 477 -26.58 -3.64 24.05
N GLY B 478 -27.02 -3.00 22.96
CA GLY B 478 -28.24 -2.23 22.98
C GLY B 478 -28.72 -1.69 21.65
N GLY B 479 -29.46 -0.59 21.71
CA GLY B 479 -30.05 0.03 20.55
C GLY B 479 -30.16 1.52 20.76
N VAL B 480 -29.95 2.27 19.69
CA VAL B 480 -30.12 3.72 19.67
C VAL B 480 -31.22 4.01 18.66
N PRO B 481 -32.25 4.83 19.05
CA PRO B 481 -33.28 5.19 18.07
C PRO B 481 -32.75 6.15 16.99
N LEU B 482 -33.11 5.91 15.74
CA LEU B 482 -32.55 6.67 14.61
C LEU B 482 -32.89 8.18 14.52
N THR B 483 -34.07 8.57 15.01
CA THR B 483 -34.51 9.96 14.95
C THR B 483 -33.65 10.92 15.80
N MET B 484 -33.18 10.44 16.94
CA MET B 484 -32.45 11.25 17.89
C MET B 484 -31.12 11.80 17.36
N LEU B 485 -30.63 11.19 16.28
CA LEU B 485 -29.36 11.54 15.68
C LEU B 485 -29.56 12.55 14.55
N MET B 486 -30.81 12.86 14.29
CA MET B 486 -31.20 13.61 13.11
C MET B 486 -31.33 15.13 13.29
N ASN B 487 -31.34 15.82 12.17
CA ASN B 487 -31.84 17.17 12.05
C ASN B 487 -32.61 17.28 10.74
N MET B 488 -33.18 18.45 10.49
CA MET B 488 -33.75 18.74 9.18
C MET B 488 -32.75 19.57 8.37
N GLU B 489 -32.49 19.14 7.15
CA GLU B 489 -31.61 19.84 6.25
C GLU B 489 -32.47 20.49 5.18
N GLU B 490 -32.24 21.78 4.93
CA GLU B 490 -33.00 22.48 3.90
C GLU B 490 -32.27 22.53 2.57
N ARG B 491 -32.90 21.99 1.53
CA ARG B 491 -32.31 21.91 0.20
C ARG B 491 -33.33 22.14 -0.91
N TYR B 492 -33.13 23.23 -1.65
CA TYR B 492 -33.93 23.60 -2.83
C TYR B 492 -35.41 23.84 -2.52
N GLY B 493 -35.67 24.49 -1.37
CA GLY B 493 -37.02 24.75 -0.91
C GLY B 493 -37.64 23.66 -0.04
N GLU B 494 -36.91 22.55 0.15
CA GLU B 494 -37.42 21.37 0.86
C GLU B 494 -36.64 21.05 2.13
N LYS B 495 -37.32 20.43 3.09
CA LYS B 495 -36.70 19.97 4.33
C LYS B 495 -36.76 18.45 4.54
N LYS B 496 -35.75 17.75 4.06
CA LYS B 496 -35.66 16.30 4.27
C LYS B 496 -34.85 15.98 5.53
N PRO B 497 -35.21 14.90 6.26
CA PRO B 497 -34.43 14.53 7.46
C PRO B 497 -33.02 14.03 7.09
N VAL B 498 -32.07 14.22 7.99
CA VAL B 498 -30.68 13.85 7.73
C VAL B 498 -29.96 13.48 9.03
N ILE B 499 -28.94 12.63 8.90
CA ILE B 499 -27.95 12.44 9.97
C ILE B 499 -26.65 13.04 9.45
N LYS B 500 -26.16 14.05 10.17
CA LYS B 500 -24.96 14.79 9.76
C LYS B 500 -23.65 14.04 10.00
N LYS B 501 -22.72 14.17 9.07
CA LYS B 501 -21.35 13.66 9.21
C LYS B 501 -20.69 14.17 10.49
N ALA B 502 -20.13 13.25 11.26
CA ALA B 502 -19.30 13.61 12.39
C ALA B 502 -17.87 13.87 11.87
N LEU B 503 -17.38 15.08 12.08
CA LEU B 503 -16.03 15.45 11.66
C LEU B 503 -15.10 15.42 12.87
N VAL B 504 -13.81 15.67 12.63
CA VAL B 504 -12.85 15.72 13.73
C VAL B 504 -13.22 16.87 14.70
N ASP B 505 -13.32 16.50 15.97
CA ASP B 505 -13.57 17.43 17.07
C ASP B 505 -12.24 18.08 17.48
N LEU B 506 -12.06 19.35 17.14
CA LEU B 506 -10.81 20.04 17.47
C LEU B 506 -10.57 20.24 18.98
N GLU B 507 -11.54 19.86 19.82
CA GLU B 507 -11.37 19.86 21.28
C GLU B 507 -11.17 18.43 21.85
N GLY B 508 -11.11 17.43 20.95
CA GLY B 508 -11.06 16.04 21.37
C GLY B 508 -9.65 15.67 21.79
N ARG B 509 -9.54 14.57 22.54
CA ARG B 509 -8.24 14.08 22.95
C ARG B 509 -7.32 13.71 21.76
N PRO B 510 -7.84 13.02 20.72
CA PRO B 510 -6.98 12.72 19.57
C PRO B 510 -6.29 13.94 18.93
N PHE B 511 -7.07 14.90 18.47
CA PHE B 511 -6.52 16.12 17.88
C PHE B 511 -5.52 16.85 18.80
N LYS B 512 -5.87 16.93 20.09
CA LYS B 512 -5.03 17.59 21.08
C LYS B 512 -3.72 16.88 21.27
N GLU B 513 -3.76 15.54 21.31
CA GLU B 513 -2.54 14.74 21.31
C GLU B 513 -1.67 15.08 20.09
N PHE B 514 -2.27 15.13 18.91
CA PHE B 514 -1.54 15.48 17.67
C PHE B 514 -0.92 16.89 17.73
N VAL B 515 -1.73 17.88 18.10
CA VAL B 515 -1.25 19.25 18.31
C VAL B 515 -0.05 19.28 19.30
N LYS B 516 -0.16 18.56 20.41
CA LYS B 516 0.90 18.54 21.44
C LYS B 516 2.27 18.08 20.90
N ASN B 517 2.25 17.22 19.88
CA ASN B 517 3.48 16.53 19.46
C ASN B 517 3.96 16.79 18.01
N ARG B 518 3.19 17.52 17.22
CA ARG B 518 3.46 17.65 15.77
C ARG B 518 4.71 18.43 15.37
N ASP B 519 5.07 19.43 16.16
CA ASP B 519 6.28 20.22 15.89
C ASP B 519 7.52 19.38 16.13
N LYS B 520 7.43 18.50 17.13
CA LYS B 520 8.52 17.59 17.43
C LYS B 520 8.69 16.51 16.33
N TRP B 521 7.58 15.94 15.87
CA TRP B 521 7.56 14.99 14.73
C TRP B 521 8.06 15.63 13.43
N ALA B 522 7.69 16.90 13.22
CA ALA B 522 8.04 17.66 12.01
C ALA B 522 9.54 17.78 11.81
N LEU B 523 10.23 18.18 12.87
CA LEU B 523 11.62 18.53 12.75
C LEU B 523 12.60 17.39 13.08
N ASN B 524 12.09 16.34 13.70
CA ASN B 524 12.94 15.24 14.12
C ASN B 524 12.42 13.94 13.49
N ASN B 525 13.17 12.85 13.66
CA ASN B 525 12.78 11.60 13.02
C ASN B 525 12.33 10.62 14.08
N LEU B 526 11.04 10.69 14.42
CA LEU B 526 10.48 9.93 15.53
C LEU B 526 9.36 9.04 15.03
N TYR B 527 9.53 8.59 13.78
CA TYR B 527 8.66 7.63 13.13
C TYR B 527 8.41 6.39 13.99
N LEU B 528 7.17 5.93 14.00
CA LEU B 528 6.83 4.65 14.58
C LEU B 528 6.49 3.69 13.45
N TYR B 529 6.88 2.44 13.62
CA TYR B 529 6.72 1.45 12.55
C TYR B 529 5.75 0.34 12.94
N PRO B 530 4.45 0.54 12.62
CA PRO B 530 3.48 -0.49 12.95
C PRO B 530 3.67 -1.68 12.00
N GLY B 531 3.24 -2.86 12.41
CA GLY B 531 3.39 -4.00 11.52
C GLY B 531 2.13 -4.26 10.72
N PRO B 532 2.14 -5.33 9.93
CA PRO B 532 0.90 -5.83 9.35
C PRO B 532 -0.03 -6.27 10.49
N VAL B 533 -1.33 -6.27 10.22
CA VAL B 533 -2.32 -6.80 11.15
C VAL B 533 -1.99 -8.26 11.47
N GLN B 534 -1.98 -8.57 12.76
CA GLN B 534 -1.73 -9.91 13.25
C GLN B 534 -3.02 -10.59 13.68
N TYR B 535 -3.13 -11.88 13.38
CA TYR B 535 -4.34 -12.66 13.70
C TYR B 535 -3.97 -13.84 14.57
N PHE B 536 -2.68 -14.06 14.78
CA PHE B 536 -2.19 -15.08 15.72
C PHE B 536 -1.13 -14.48 16.66
N GLY B 537 -1.01 -15.06 17.85
CA GLY B 537 -0.10 -14.54 18.87
C GLY B 537 -0.84 -14.01 20.10
N SER B 538 -0.15 -13.21 20.91
CA SER B 538 -0.67 -12.72 22.18
C SER B 538 -1.89 -11.82 22.01
N SER B 539 -2.76 -11.79 23.02
CA SER B 539 -4.01 -11.01 22.97
C SER B 539 -3.81 -9.49 22.76
N GLU B 540 -2.77 -8.92 23.35
CA GLU B 540 -2.56 -7.47 23.22
C GLU B 540 -2.05 -7.03 21.83
N ILE B 541 -1.42 -7.94 21.08
CA ILE B 541 -1.09 -7.68 19.67
C ILE B 541 -2.35 -7.80 18.80
N VAL B 542 -3.05 -8.94 18.93
CA VAL B 542 -4.17 -9.26 18.06
C VAL B 542 -5.46 -8.49 18.37
N ASP B 543 -5.59 -7.99 19.60
CA ASP B 543 -6.79 -7.21 19.96
C ASP B 543 -6.51 -5.71 20.15
N GLU B 544 -5.36 -5.24 19.66
CA GLU B 544 -5.04 -3.81 19.67
C GLU B 544 -6.14 -3.00 18.97
N ILE B 545 -6.46 -1.85 19.55
CA ILE B 545 -7.46 -0.93 19.01
C ILE B 545 -6.78 0.34 18.48
N THR B 546 -7.54 1.21 17.85
CA THR B 546 -7.01 2.47 17.34
C THR B 546 -6.52 3.40 18.48
N GLU B 547 -5.56 4.25 18.17
CA GLU B 547 -5.18 5.35 19.08
C GLU B 547 -6.37 6.26 19.38
N THR B 548 -7.20 6.49 18.35
CA THR B 548 -8.39 7.32 18.44
C THR B 548 -9.30 6.86 19.57
N LEU B 549 -9.77 5.60 19.48
CA LEU B 549 -10.66 4.99 20.47
C LEU B 549 -10.05 4.91 21.87
N LYS B 550 -8.79 4.50 21.95
CA LYS B 550 -7.97 4.51 23.16
C LYS B 550 -7.97 5.87 23.91
N LEU B 551 -7.77 6.97 23.17
CA LEU B 551 -7.79 8.31 23.77
C LEU B 551 -9.18 8.81 24.11
N GLU B 552 -10.13 8.63 23.19
CA GLU B 552 -11.51 9.08 23.34
C GLU B 552 -12.24 8.45 24.53
N LEU B 553 -11.92 7.21 24.82
CA LEU B 553 -12.58 6.52 25.91
C LEU B 553 -11.71 6.67 27.15
N PHE B 554 -11.14 5.58 27.65
CA PHE B 554 -10.22 5.61 28.80
C PHE B 554 -10.92 5.91 30.13
P1 FBP C . 18.22 -2.78 -6.02
O1P FBP C . 17.69 -3.94 -5.10
O2P FBP C . 19.02 -1.81 -5.22
O3P FBP C . 18.84 -3.39 -7.23
O1 FBP C . 16.91 -2.09 -6.60
C1 FBP C . 15.74 -1.97 -5.80
C2 FBP C . 14.76 -0.96 -6.39
O2 FBP C . 13.72 -0.79 -5.45
C3 FBP C . 14.21 -1.34 -7.77
O3 FBP C . 13.04 -2.16 -7.68
C4 FBP C . 13.79 0.02 -8.30
O4 FBP C . 13.86 0.05 -9.71
C5 FBP C . 14.92 0.91 -7.80
O5 FBP C . 15.46 0.28 -6.60
C6 FBP C . 14.42 2.34 -7.56
O6 FBP C . 15.54 3.22 -7.38
P2 FBP C . 15.47 4.36 -6.23
O4P FBP C . 16.86 5.10 -6.43
O5P FBP C . 14.35 5.26 -6.55
O6P FBP C . 15.49 3.74 -4.90
AL AF3 D . -23.72 5.14 2.53
F1 AF3 D . -22.66 3.83 3.17
F2 AF3 D . -24.08 5.24 0.75
F3 AF3 D . -24.44 6.35 3.67
#